data_8TGH
#
_entry.id   8TGH
#
_cell.length_a   1.00
_cell.length_b   1.00
_cell.length_c   1.00
_cell.angle_alpha   90.00
_cell.angle_beta   90.00
_cell.angle_gamma   90.00
#
_symmetry.space_group_name_H-M   'P 1'
#
loop_
_entity.id
_entity.type
_entity.pdbx_description
1 polymer 'Chromaffin granule amine transporter'
2 non-polymer (2S)-1-phenylpropan-2-amine
3 non-polymer reserpine
#
_entity_poly.entity_id   1
_entity_poly.type   'polypeptide(L)'
_entity_poly.pdbx_seq_one_letter_code
;MLRTILDAPQRLLKEGRASRQLVLVVVFVALLLDNMLFTVVVPIVPTFLYDMEFKEVNSSLHLGHAGSNCLQGTGFLEEE
ITRVGVLFASKAVMQLLVNPFVGPLTNRIGYHIPMFAGFVIMFLSTVMFAFSGTYTLLFVARTLQGIGSSFSSVAGLGML
ASVYTDDHERGRAMGTALGGLALGLLVGAPFGSVMYEFVGKSAPFLILAFLALLDGALQLCILQPSKVSPESAKGTPLFM
LLKDPYILVAAGSICFANMGVAILEPTLPIWMMQTMCSPKWQLGLAFLPASVSYLIGTNLFGVLANKMGRWLCSLIGMLV
VGTSLLCVPLAHNIFGLIGPNAGLGLAIGMVDSSMMPIMGHLVDLRHTSVYGSVYAIADVAFCMGFAIGPSTGGAIVKAI
GFPWLMVITGVINIVYAPLCYYLRSPPAKEEKLAILSQDCPMETRMYATQKPTKEFPLGEDSDEEPDHEE
;
_entity_poly.pdbx_strand_id   A,B
#
loop_
_chem_comp.id
_chem_comp.type
_chem_comp.name
_chem_comp.formula
1WE non-polymer (2S)-1-phenylpropan-2-amine 'C9 H13 N'
YHR non-polymer reserpine 'C33 H40 N2 O9'
#
# COMPACT_ATOMS: atom_id res chain seq x y z
N SER A 19 22.71 10.94 32.41
CA SER A 19 21.48 11.44 33.01
C SER A 19 20.33 11.37 32.02
N ARG A 20 20.68 11.24 30.74
CA ARG A 20 19.66 11.15 29.70
C ARG A 20 18.99 9.79 29.63
N GLN A 21 19.62 8.74 30.16
CA GLN A 21 19.01 7.43 30.13
C GLN A 21 17.92 7.31 31.18
N LEU A 22 18.12 7.91 32.35
CA LEU A 22 17.17 7.73 33.45
C LEU A 22 15.85 8.42 33.17
N VAL A 23 15.86 9.46 32.33
CA VAL A 23 14.61 10.13 31.97
C VAL A 23 13.72 9.19 31.18
N LEU A 24 14.31 8.32 30.36
CA LEU A 24 13.53 7.32 29.64
C LEU A 24 12.89 6.32 30.60
N VAL A 25 13.58 6.01 31.70
CA VAL A 25 13.01 5.11 32.70
C VAL A 25 11.81 5.76 33.39
N VAL A 26 11.89 7.07 33.65
CA VAL A 26 10.79 7.76 34.32
C VAL A 26 9.57 7.82 33.43
N VAL A 27 9.75 8.15 32.16
CA VAL A 27 8.62 8.17 31.23
C VAL A 27 8.12 6.75 30.96
N PHE A 28 9.02 5.77 31.01
CA PHE A 28 8.64 4.37 30.83
C PHE A 28 7.68 3.91 31.92
N VAL A 29 8.02 4.17 33.18
CA VAL A 29 7.16 3.76 34.28
C VAL A 29 5.89 4.58 34.31
N ALA A 30 5.98 5.87 33.97
CA ALA A 30 4.83 6.76 34.07
C ALA A 30 3.74 6.36 33.08
N LEU A 31 4.12 6.03 31.85
CA LEU A 31 3.14 5.59 30.88
C LEU A 31 2.66 4.17 31.16
N LEU A 32 3.52 3.34 31.75
CA LEU A 32 3.15 1.97 32.06
C LEU A 32 2.05 1.91 33.12
N LEU A 33 2.15 2.74 34.15
CA LEU A 33 1.19 2.72 35.24
C LEU A 33 -0.12 3.40 34.85
N ASP A 34 -0.04 4.49 34.08
CA ASP A 34 -1.24 5.25 33.75
C ASP A 34 -2.15 4.46 32.82
N ASN A 35 -1.58 3.81 31.81
CA ASN A 35 -2.38 3.01 30.90
C ASN A 35 -2.78 1.66 31.50
N MET A 36 -2.07 1.22 32.55
CA MET A 36 -2.49 0.01 33.24
C MET A 36 -3.84 0.20 33.92
N LEU A 37 -4.07 1.40 34.47
CA LEU A 37 -5.38 1.71 35.07
C LEU A 37 -6.45 1.84 34.00
N PHE A 38 -6.06 2.14 32.76
CA PHE A 38 -7.02 2.25 31.67
C PHE A 38 -7.70 0.92 31.39
N THR A 39 -6.94 -0.18 31.41
CA THR A 39 -7.49 -1.47 31.02
C THR A 39 -7.92 -2.33 32.20
N VAL A 40 -7.43 -2.05 33.41
CA VAL A 40 -7.83 -2.85 34.57
C VAL A 40 -9.30 -2.61 34.90
N VAL A 41 -9.81 -1.42 34.59
CA VAL A 41 -11.18 -1.06 34.93
C VAL A 41 -12.20 -1.90 34.17
N VAL A 42 -11.84 -2.36 32.97
CA VAL A 42 -12.83 -2.99 32.09
C VAL A 42 -13.32 -4.33 32.63
N PRO A 43 -12.46 -5.23 33.13
CA PRO A 43 -12.95 -6.43 33.80
C PRO A 43 -13.88 -6.17 34.98
N ILE A 44 -13.71 -5.08 35.73
CA ILE A 44 -14.25 -4.99 37.07
C ILE A 44 -15.46 -4.07 37.17
N VAL A 45 -15.61 -3.08 36.31
CA VAL A 45 -16.70 -2.11 36.43
C VAL A 45 -18.03 -2.60 35.86
N PRO A 46 -18.08 -3.15 34.63
CA PRO A 46 -19.38 -3.63 34.11
C PRO A 46 -20.03 -4.72 34.95
N THR A 47 -19.25 -5.63 35.53
CA THR A 47 -19.83 -6.67 36.36
C THR A 47 -20.21 -6.14 37.74
N PHE A 48 -19.43 -5.19 38.28
CA PHE A 48 -19.68 -4.69 39.62
C PHE A 48 -20.99 -3.92 39.70
N LEU A 49 -21.29 -3.10 38.69
CA LEU A 49 -22.49 -2.28 38.73
C LEU A 49 -23.75 -3.13 38.65
N TYR A 50 -23.67 -4.28 38.01
CA TYR A 50 -24.81 -5.18 37.92
C TYR A 50 -25.19 -5.77 39.26
N ASP A 51 -24.24 -5.90 40.18
CA ASP A 51 -24.46 -6.51 41.49
C ASP A 51 -24.92 -7.96 41.35
N ILE A 81 -26.23 -0.55 28.85
CA ILE A 81 -25.01 -0.73 28.07
C ILE A 81 -24.42 0.62 27.70
N THR A 82 -25.28 1.53 27.24
CA THR A 82 -24.83 2.87 26.90
C THR A 82 -24.36 3.63 28.13
N ARG A 83 -24.97 3.36 29.29
CA ARG A 83 -24.53 3.98 30.54
C ARG A 83 -23.10 3.58 30.88
N VAL A 84 -22.77 2.31 30.71
CA VAL A 84 -21.41 1.85 30.99
C VAL A 84 -20.43 2.37 29.95
N GLY A 85 -20.84 2.42 28.69
CA GLY A 85 -19.95 2.84 27.63
C GLY A 85 -19.56 4.31 27.73
N VAL A 86 -20.50 5.15 28.14
CA VAL A 86 -20.21 6.57 28.28
C VAL A 86 -19.24 6.81 29.43
N LEU A 87 -19.25 5.93 30.44
CA LEU A 87 -18.27 6.00 31.52
C LEU A 87 -16.86 5.83 30.99
N PHE A 88 -16.65 4.88 30.07
CA PHE A 88 -15.30 4.59 29.60
C PHE A 88 -14.76 5.70 28.72
N ALA A 89 -15.64 6.45 28.05
CA ALA A 89 -15.20 7.50 27.14
C ALA A 89 -15.01 8.84 27.83
N SER A 90 -15.21 8.92 29.14
CA SER A 90 -15.02 10.19 29.84
C SER A 90 -13.55 10.58 29.90
N LYS A 91 -12.66 9.59 29.98
CA LYS A 91 -11.23 9.88 30.05
C LYS A 91 -10.74 10.52 28.76
N ALA A 92 -11.18 9.99 27.61
CA ALA A 92 -10.73 10.53 26.33
C ALA A 92 -11.26 11.94 26.11
N VAL A 93 -12.50 12.21 26.50
CA VAL A 93 -13.10 13.52 26.26
C VAL A 93 -12.43 14.57 27.14
N MET A 94 -12.28 14.28 28.43
CA MET A 94 -11.72 15.28 29.34
C MET A 94 -10.24 15.49 29.08
N GLN A 95 -9.52 14.41 28.75
CA GLN A 95 -8.11 14.53 28.41
C GLN A 95 -7.91 15.30 27.11
N LEU A 96 -8.91 15.28 26.22
CA LEU A 96 -8.81 16.02 24.97
C LEU A 96 -8.89 17.52 25.21
N LEU A 97 -9.72 17.95 26.15
CA LEU A 97 -9.89 19.38 26.40
C LEU A 97 -8.71 19.97 27.16
N VAL A 98 -8.15 19.22 28.11
CA VAL A 98 -7.08 19.75 28.94
C VAL A 98 -5.76 19.83 28.18
N ASN A 99 -5.65 19.12 27.06
CA ASN A 99 -4.41 19.10 26.30
C ASN A 99 -3.98 20.47 25.76
N PRO A 100 -4.85 21.28 25.15
CA PRO A 100 -4.40 22.60 24.69
C PRO A 100 -3.95 23.54 25.81
N PHE A 101 -4.38 23.31 27.04
CA PHE A 101 -3.94 24.14 28.16
C PHE A 101 -2.68 23.61 28.82
N VAL A 102 -2.11 22.52 28.32
CA VAL A 102 -0.92 21.91 28.90
C VAL A 102 0.33 22.27 28.12
N GLY A 103 0.22 22.34 26.80
CA GLY A 103 1.33 22.64 25.94
C GLY A 103 1.97 23.99 26.21
N PRO A 104 1.18 25.06 26.14
CA PRO A 104 1.72 26.39 26.49
C PRO A 104 2.21 26.50 27.92
N LEU A 105 1.64 25.73 28.85
CA LEU A 105 2.08 25.79 30.24
C LEU A 105 3.49 25.24 30.40
N THR A 106 3.89 24.32 29.53
CA THR A 106 5.17 23.63 29.71
C THR A 106 6.35 24.57 29.51
N ASN A 107 6.20 25.59 28.68
CA ASN A 107 7.27 26.57 28.50
C ASN A 107 7.51 27.36 29.79
N ARG A 108 6.43 27.77 30.46
CA ARG A 108 6.57 28.64 31.61
C ARG A 108 6.89 27.90 32.91
N ILE A 109 6.70 26.58 32.95
CA ILE A 109 6.92 25.83 34.19
C ILE A 109 7.98 24.74 34.05
N GLY A 110 8.18 24.17 32.87
CA GLY A 110 9.10 23.06 32.71
C GLY A 110 8.36 21.74 32.60
N TYR A 111 9.15 20.68 32.42
CA TYR A 111 8.60 19.34 32.23
C TYR A 111 8.53 18.52 33.52
N HIS A 112 8.94 19.07 34.65
CA HIS A 112 8.96 18.31 35.90
C HIS A 112 7.67 18.48 36.70
N ILE A 113 7.22 19.72 36.88
CA ILE A 113 6.00 19.97 37.64
C ILE A 113 4.78 19.31 37.03
N PRO A 114 4.53 19.39 35.71
CA PRO A 114 3.40 18.63 35.14
C PRO A 114 3.49 17.13 35.34
N MET A 115 4.67 16.54 35.26
CA MET A 115 4.78 15.10 35.47
C MET A 115 4.49 14.71 36.91
N PHE A 116 5.00 15.49 37.87
CA PHE A 116 4.69 15.21 39.27
C PHE A 116 3.21 15.40 39.55
N ALA A 117 2.58 16.41 38.94
CA ALA A 117 1.15 16.60 39.10
C ALA A 117 0.37 15.43 38.51
N GLY A 118 0.84 14.90 37.38
CA GLY A 118 0.21 13.72 36.80
C GLY A 118 0.30 12.51 37.72
N PHE A 119 1.45 12.32 38.35
CA PHE A 119 1.60 11.24 39.33
C PHE A 119 0.63 11.40 40.49
N VAL A 120 0.52 12.63 41.02
CA VAL A 120 -0.36 12.87 42.16
C VAL A 120 -1.82 12.62 41.78
N ILE A 121 -2.22 13.08 40.60
CA ILE A 121 -3.60 12.89 40.15
C ILE A 121 -3.89 11.42 39.90
N MET A 122 -2.93 10.69 39.36
CA MET A 122 -3.13 9.26 39.14
C MET A 122 -3.29 8.50 40.45
N PHE A 123 -2.48 8.85 41.45
CA PHE A 123 -2.61 8.21 42.76
C PHE A 123 -3.97 8.50 43.39
N LEU A 124 -4.43 9.76 43.29
CA LEU A 124 -5.74 10.12 43.82
C LEU A 124 -6.85 9.37 43.09
N SER A 125 -6.73 9.24 41.77
CA SER A 125 -7.75 8.52 41.00
C SER A 125 -7.79 7.04 41.38
N THR A 126 -6.63 6.42 41.57
CA THR A 126 -6.63 5.00 41.93
C THR A 126 -7.17 4.79 43.33
N VAL A 127 -6.91 5.73 44.25
CA VAL A 127 -7.49 5.60 45.59
C VAL A 127 -9.00 5.79 45.54
N MET A 128 -9.47 6.71 44.70
CA MET A 128 -10.91 6.92 44.58
C MET A 128 -11.59 5.71 43.97
N PHE A 129 -10.93 5.04 43.01
CA PHE A 129 -11.46 3.77 42.50
C PHE A 129 -11.51 2.72 43.60
N ALA A 130 -10.48 2.67 44.44
CA ALA A 130 -10.37 1.61 45.43
C ALA A 130 -11.46 1.67 46.50
N PHE A 131 -12.07 2.83 46.70
CA PHE A 131 -13.06 3.00 47.76
C PHE A 131 -14.47 3.32 47.27
N SER A 132 -14.61 3.86 46.06
CA SER A 132 -15.92 4.27 45.57
C SER A 132 -16.79 3.05 45.30
N GLY A 133 -18.10 3.21 45.49
CA GLY A 133 -19.05 2.12 45.32
C GLY A 133 -20.34 2.49 44.63
N THR A 134 -20.30 3.45 43.70
CA THR A 134 -21.50 3.85 42.98
C THR A 134 -21.07 4.48 41.66
N TYR A 135 -22.08 4.79 40.83
CA TYR A 135 -21.82 5.26 39.47
C TYR A 135 -21.21 6.65 39.46
N THR A 136 -21.80 7.57 40.21
CA THR A 136 -21.35 8.97 40.15
C THR A 136 -19.99 9.13 40.82
N LEU A 137 -19.65 8.24 41.76
CA LEU A 137 -18.33 8.27 42.34
C LEU A 137 -17.29 7.55 41.49
N LEU A 138 -17.72 6.84 40.45
CA LEU A 138 -16.79 6.21 39.52
C LEU A 138 -16.57 7.05 38.27
N PHE A 139 -17.53 7.90 37.90
CA PHE A 139 -17.33 8.81 36.78
C PHE A 139 -16.22 9.82 37.08
N VAL A 140 -16.21 10.38 38.29
CA VAL A 140 -15.30 11.46 38.63
C VAL A 140 -13.86 10.95 38.66
N ALA A 141 -13.67 9.72 39.15
CA ALA A 141 -12.33 9.15 39.18
C ALA A 141 -11.77 8.95 37.78
N ARG A 142 -12.63 8.55 36.84
CA ARG A 142 -12.19 8.40 35.46
C ARG A 142 -11.82 9.75 34.86
N THR A 143 -12.58 10.80 35.18
CA THR A 143 -12.23 12.14 34.69
C THR A 143 -10.88 12.59 35.24
N LEU A 144 -10.63 12.35 36.53
CA LEU A 144 -9.34 12.70 37.11
C LEU A 144 -8.20 11.91 36.46
N GLN A 145 -8.43 10.63 36.20
CA GLN A 145 -7.42 9.82 35.53
C GLN A 145 -7.14 10.34 34.13
N GLY A 146 -8.16 10.86 33.46
CA GLY A 146 -7.95 11.47 32.16
C GLY A 146 -7.05 12.69 32.22
N ILE A 147 -7.28 13.55 33.23
CA ILE A 147 -6.45 14.74 33.39
C ILE A 147 -5.00 14.35 33.66
N GLY A 148 -4.80 13.38 34.57
CA GLY A 148 -3.46 12.93 34.87
C GLY A 148 -2.76 12.30 33.68
N SER A 149 -3.48 11.52 32.89
CA SER A 149 -2.90 10.91 31.70
C SER A 149 -2.49 11.95 30.68
N SER A 150 -3.29 13.01 30.52
CA SER A 150 -2.94 14.08 29.59
C SER A 150 -1.65 14.78 30.02
N PHE A 151 -1.56 15.12 31.32
CA PHE A 151 -0.36 15.75 31.85
C PHE A 151 0.87 14.87 31.63
N SER A 152 0.76 13.59 32.00
CA SER A 152 1.89 12.67 31.94
C SER A 152 2.35 12.46 30.51
N SER A 153 1.41 12.25 29.58
CA SER A 153 1.79 11.98 28.20
C SER A 153 2.47 13.18 27.55
N VAL A 154 1.86 14.36 27.66
CA VAL A 154 2.42 15.55 27.01
C VAL A 154 3.77 15.91 27.61
N ALA A 155 3.86 15.96 28.95
CA ALA A 155 5.11 16.34 29.61
C ALA A 155 6.21 15.32 29.36
N GLY A 156 5.88 14.02 29.43
CA GLY A 156 6.91 13.01 29.23
C GLY A 156 7.46 12.98 27.82
N LEU A 157 6.57 13.06 26.82
CA LEU A 157 7.05 13.05 25.45
C LEU A 157 7.84 14.32 25.13
N GLY A 158 7.42 15.47 25.68
CA GLY A 158 8.21 16.68 25.50
C GLY A 158 9.58 16.60 26.13
N MET A 159 9.66 16.02 27.33
CA MET A 159 10.95 15.87 28.01
C MET A 159 11.86 14.94 27.24
N LEU A 160 11.30 13.84 26.73
CA LEU A 160 12.11 12.91 25.92
C LEU A 160 12.61 13.58 24.65
N ALA A 161 11.76 14.40 24.03
CA ALA A 161 12.20 15.12 22.83
C ALA A 161 13.30 16.11 23.15
N SER A 162 13.21 16.80 24.29
CA SER A 162 14.19 17.83 24.60
C SER A 162 15.52 17.23 25.04
N VAL A 163 15.48 16.13 25.79
CA VAL A 163 16.72 15.53 26.27
C VAL A 163 17.50 14.90 25.13
N TYR A 164 16.80 14.25 24.19
CA TYR A 164 17.43 13.54 23.08
C TYR A 164 17.34 14.42 21.83
N THR A 165 18.49 14.80 21.29
CA THR A 165 18.55 15.77 20.20
C THR A 165 18.69 15.13 18.83
N ASP A 166 19.51 14.08 18.69
CA ASP A 166 19.65 13.40 17.41
C ASP A 166 18.33 12.74 17.02
N ASP A 167 18.05 12.73 15.72
CA ASP A 167 16.75 12.23 15.26
C ASP A 167 16.62 10.73 15.47
N HIS A 168 17.65 9.97 15.13
CA HIS A 168 17.60 8.52 15.24
C HIS A 168 17.52 8.08 16.71
N GLU A 169 18.36 8.69 17.55
CA GLU A 169 18.37 8.36 18.96
C GLU A 169 17.09 8.75 19.65
N ARG A 170 16.39 9.77 19.15
CA ARG A 170 15.09 10.15 19.67
C ARG A 170 14.00 9.18 19.21
N GLY A 171 14.10 8.71 17.97
CA GLY A 171 13.17 7.69 17.50
C GLY A 171 13.25 6.42 18.31
N ARG A 172 14.47 6.02 18.69
CA ARG A 172 14.65 4.82 19.50
C ARG A 172 13.97 4.95 20.87
N ALA A 173 14.15 6.11 21.52
CA ALA A 173 13.56 6.34 22.82
C ALA A 173 12.04 6.38 22.75
N MET A 174 11.50 7.04 21.73
CA MET A 174 10.05 7.11 21.61
C MET A 174 9.46 5.75 21.29
N GLY A 175 10.20 4.93 20.55
CA GLY A 175 9.78 3.55 20.33
C GLY A 175 9.72 2.76 21.62
N THR A 176 10.74 2.90 22.48
CA THR A 176 10.70 2.12 23.72
C THR A 176 9.64 2.63 24.69
N ALA A 177 9.36 3.93 24.67
CA ALA A 177 8.28 4.46 25.51
C ALA A 177 6.91 3.95 25.04
N LEU A 178 6.69 3.94 23.73
CA LEU A 178 5.45 3.36 23.22
C LEU A 178 5.38 1.87 23.50
N GLY A 179 6.53 1.19 23.54
CA GLY A 179 6.54 -0.20 23.96
C GLY A 179 6.10 -0.38 25.39
N GLY A 180 6.52 0.51 26.27
CA GLY A 180 6.05 0.47 27.65
C GLY A 180 4.56 0.70 27.75
N LEU A 181 4.03 1.63 26.96
CA LEU A 181 2.58 1.85 26.93
C LEU A 181 1.85 0.60 26.46
N ALA A 182 2.37 -0.07 25.43
CA ALA A 182 1.76 -1.29 24.94
C ALA A 182 1.80 -2.40 25.99
N LEU A 183 2.91 -2.50 26.72
CA LEU A 183 3.01 -3.51 27.76
C LEU A 183 2.02 -3.26 28.88
N GLY A 184 1.76 -1.99 29.18
CA GLY A 184 0.77 -1.64 30.19
C GLY A 184 -0.61 -2.03 29.75
N LEU A 185 -0.92 -1.75 28.48
CA LEU A 185 -2.23 -2.13 27.93
C LEU A 185 -2.41 -3.64 27.93
N LEU A 186 -1.36 -4.38 27.61
CA LEU A 186 -1.48 -5.84 27.57
C LEU A 186 -1.64 -6.41 28.98
N VAL A 187 -0.89 -5.89 29.95
CA VAL A 187 -0.88 -6.51 31.27
C VAL A 187 -2.08 -6.12 32.12
N GLY A 188 -2.68 -4.95 31.88
CA GLY A 188 -3.72 -4.45 32.76
C GLY A 188 -4.98 -5.28 32.97
N ALA A 189 -5.59 -5.77 31.89
CA ALA A 189 -6.89 -6.44 32.01
C ALA A 189 -6.83 -7.77 32.76
N PRO A 190 -5.94 -8.72 32.41
CA PRO A 190 -5.91 -9.98 33.17
C PRO A 190 -5.54 -9.80 34.63
N PHE A 191 -4.75 -8.78 34.93
CA PHE A 191 -4.40 -8.43 36.31
C PHE A 191 -5.67 -8.15 37.12
N GLY A 192 -6.49 -7.24 36.60
CA GLY A 192 -7.72 -6.89 37.29
C GLY A 192 -8.69 -8.04 37.36
N SER A 193 -8.79 -8.82 36.28
CA SER A 193 -9.72 -9.95 36.26
C SER A 193 -9.34 -11.01 37.29
N VAL A 194 -8.05 -11.34 37.36
CA VAL A 194 -7.60 -12.37 38.29
C VAL A 194 -7.77 -11.92 39.73
N MET A 195 -7.31 -10.70 40.06
CA MET A 195 -7.44 -10.31 41.46
C MET A 195 -8.84 -9.81 41.82
N TYR A 196 -9.76 -9.68 40.87
CA TYR A 196 -11.14 -9.50 41.26
C TYR A 196 -11.83 -10.83 41.47
N GLU A 197 -11.51 -11.84 40.65
CA GLU A 197 -12.09 -13.16 40.87
C GLU A 197 -11.62 -13.77 42.18
N PHE A 198 -10.34 -13.62 42.51
CA PHE A 198 -9.77 -14.39 43.60
C PHE A 198 -9.67 -13.62 44.92
N VAL A 199 -9.37 -12.33 44.90
CA VAL A 199 -9.09 -11.59 46.12
C VAL A 199 -10.18 -10.60 46.50
N GLY A 200 -10.72 -9.84 45.54
CA GLY A 200 -11.75 -8.86 45.81
C GLY A 200 -11.71 -7.73 44.82
N LYS A 201 -12.44 -6.66 45.13
CA LYS A 201 -12.48 -5.51 44.25
C LYS A 201 -11.41 -4.46 44.57
N SER A 202 -11.15 -4.24 45.85
CA SER A 202 -10.27 -3.16 46.28
C SER A 202 -8.79 -3.51 46.22
N ALA A 203 -8.45 -4.72 45.80
CA ALA A 203 -7.04 -5.13 45.84
C ALA A 203 -6.21 -4.50 44.71
N PRO A 204 -6.58 -4.65 43.43
CA PRO A 204 -5.70 -4.14 42.35
C PRO A 204 -5.49 -2.64 42.39
N PHE A 205 -6.50 -1.87 42.80
CA PHE A 205 -6.31 -0.43 42.88
C PHE A 205 -5.34 -0.06 43.99
N LEU A 206 -5.37 -0.79 45.11
CA LEU A 206 -4.42 -0.55 46.18
C LEU A 206 -3.00 -0.91 45.75
N ILE A 207 -2.85 -2.02 45.02
CA ILE A 207 -1.53 -2.40 44.52
C ILE A 207 -1.00 -1.36 43.54
N LEU A 208 -1.89 -0.83 42.67
CA LEU A 208 -1.50 0.23 41.77
C LEU A 208 -1.12 1.50 42.53
N ALA A 209 -1.79 1.76 43.65
CA ALA A 209 -1.43 2.91 44.48
C ALA A 209 -0.03 2.77 45.05
N PHE A 210 0.31 1.56 45.53
CA PHE A 210 1.66 1.34 46.05
C PHE A 210 2.71 1.49 44.95
N LEU A 211 2.43 0.94 43.76
CA LEU A 211 3.36 1.08 42.65
C LEU A 211 3.49 2.54 42.23
N ALA A 212 2.40 3.30 42.28
CA ALA A 212 2.47 4.72 41.97
C ALA A 212 3.29 5.48 42.99
N LEU A 213 3.20 5.08 44.26
CA LEU A 213 4.05 5.70 45.28
C LEU A 213 5.52 5.42 45.01
N LEU A 214 5.85 4.19 44.60
CA LEU A 214 7.23 3.89 44.23
C LEU A 214 7.69 4.71 43.04
N ASP A 215 6.81 4.89 42.04
CA ASP A 215 7.13 5.72 40.89
C ASP A 215 7.36 7.16 41.30
N GLY A 216 6.55 7.66 42.23
CA GLY A 216 6.75 9.02 42.71
C GLY A 216 8.05 9.18 43.46
N ALA A 217 8.45 8.16 44.22
CA ALA A 217 9.74 8.21 44.89
C ALA A 217 10.88 8.26 43.88
N LEU A 218 10.79 7.44 42.83
CA LEU A 218 11.80 7.46 41.77
C LEU A 218 11.83 8.81 41.07
N GLN A 219 10.66 9.40 40.85
CA GLN A 219 10.57 10.71 40.22
C GLN A 219 11.22 11.78 41.06
N LEU A 220 10.98 11.75 42.37
CA LEU A 220 11.59 12.73 43.26
C LEU A 220 13.10 12.56 43.33
N CYS A 221 13.58 11.32 43.23
CA CYS A 221 15.02 11.09 43.26
C CYS A 221 15.70 11.51 41.96
N ILE A 222 15.07 11.30 40.81
CA ILE A 222 15.70 11.51 39.51
C ILE A 222 15.43 12.90 38.96
N LEU A 223 14.15 13.25 38.77
CA LEU A 223 13.79 14.45 38.01
C LEU A 223 13.95 15.74 38.80
N GLN A 224 13.87 15.69 40.13
CA GLN A 224 14.00 16.86 41.00
C GLN A 224 12.91 17.89 40.73
N PRO A 225 11.65 17.60 41.04
CA PRO A 225 10.55 18.56 40.77
C PRO A 225 10.29 19.53 41.93
N SER A 226 11.18 20.50 42.08
CA SER A 226 11.09 21.44 43.21
C SER A 226 11.08 22.91 42.84
N LYS A 227 11.35 23.26 41.58
CA LYS A 227 11.43 24.67 41.20
C LYS A 227 10.84 24.87 39.82
N VAL A 228 10.46 26.13 39.54
CA VAL A 228 9.87 26.50 38.26
C VAL A 228 10.98 27.02 37.37
N SER A 229 11.32 26.25 36.35
CA SER A 229 12.40 26.61 35.43
C SER A 229 11.82 26.98 34.08
N PRO A 230 11.86 28.25 33.69
CA PRO A 230 11.30 28.63 32.38
C PRO A 230 12.29 28.40 31.24
N GLU A 231 11.82 27.78 30.16
CA GLU A 231 12.66 27.58 28.99
C GLU A 231 12.97 28.93 28.35
N SER A 232 14.23 29.11 27.95
CA SER A 232 14.63 30.36 27.32
C SER A 232 13.95 30.55 25.97
N ALA A 233 13.82 29.47 25.20
CA ALA A 233 13.19 29.56 23.90
C ALA A 233 11.69 29.76 24.06
N LYS A 234 11.14 30.72 23.32
CA LYS A 234 9.71 30.98 23.31
C LYS A 234 9.10 30.25 22.13
N GLY A 235 8.40 29.16 22.40
CA GLY A 235 7.91 28.30 21.35
C GLY A 235 6.81 28.94 20.53
N THR A 236 6.51 28.30 19.40
CA THR A 236 5.47 28.79 18.53
C THR A 236 4.10 28.62 19.17
N PRO A 237 3.18 29.54 18.95
CA PRO A 237 1.84 29.39 19.51
C PRO A 237 1.10 28.23 18.85
N LEU A 238 0.13 27.68 19.58
CA LEU A 238 -0.55 26.47 19.13
C LEU A 238 -1.43 26.70 17.91
N PHE A 239 -1.81 27.93 17.61
CA PHE A 239 -2.60 28.21 16.41
C PHE A 239 -1.74 28.36 15.17
N MET A 240 -0.46 28.70 15.31
CA MET A 240 0.42 28.75 14.15
C MET A 240 0.85 27.38 13.68
N LEU A 241 1.01 26.43 14.60
CA LEU A 241 1.42 25.08 14.23
C LEU A 241 0.33 24.37 13.44
N LEU A 242 -0.93 24.73 13.66
CA LEU A 242 -2.03 24.12 12.93
C LEU A 242 -2.10 24.58 11.48
N LYS A 243 -1.42 25.67 11.13
CA LYS A 243 -1.34 26.14 9.75
C LYS A 243 -0.22 25.46 8.98
N ASP A 244 0.54 24.59 9.60
CA ASP A 244 1.56 23.81 8.92
C ASP A 244 0.92 22.56 8.32
N PRO A 245 0.95 22.38 7.01
CA PRO A 245 0.34 21.18 6.42
C PRO A 245 0.96 19.87 6.87
N TYR A 246 2.26 19.84 7.14
CA TYR A 246 2.91 18.58 7.49
C TYR A 246 2.48 18.08 8.86
N ILE A 247 2.36 18.99 9.83
CA ILE A 247 1.87 18.61 11.15
C ILE A 247 0.44 18.10 11.07
N LEU A 248 -0.38 18.75 10.22
CA LEU A 248 -1.75 18.30 10.03
C LEU A 248 -1.80 16.90 9.41
N VAL A 249 -0.90 16.63 8.45
CA VAL A 249 -0.86 15.31 7.82
C VAL A 249 -0.49 14.23 8.83
N ALA A 250 0.53 14.51 9.65
CA ALA A 250 0.96 13.54 10.65
C ALA A 250 -0.14 13.28 11.69
N ALA A 251 -0.77 14.35 12.18
CA ALA A 251 -1.84 14.21 13.15
C ALA A 251 -3.03 13.45 12.57
N GLY A 252 -3.35 13.72 11.30
CA GLY A 252 -4.44 13.02 10.65
C GLY A 252 -4.16 11.54 10.48
N SER A 253 -2.91 11.19 10.16
CA SER A 253 -2.55 9.79 10.02
C SER A 253 -2.70 9.04 11.35
N ILE A 254 -2.19 9.64 12.44
CA ILE A 254 -2.30 9.02 13.75
C ILE A 254 -3.76 8.89 14.16
N CYS A 255 -4.56 9.94 13.91
CA CYS A 255 -5.97 9.92 14.28
C CYS A 255 -6.73 8.85 13.51
N PHE A 256 -6.44 8.69 12.22
CA PHE A 256 -7.19 7.73 11.42
C PHE A 256 -6.85 6.30 11.83
N ALA A 257 -5.57 5.98 12.05
CA ALA A 257 -5.22 4.63 12.46
C ALA A 257 -5.78 4.30 13.85
N ASN A 258 -5.64 5.25 14.80
CA ASN A 258 -6.14 4.99 16.14
C ASN A 258 -7.67 4.92 16.16
N MET A 259 -8.34 5.69 15.30
CA MET A 259 -9.80 5.56 15.20
C MET A 259 -10.19 4.20 14.64
N GLY A 260 -9.41 3.70 13.68
CA GLY A 260 -9.69 2.38 13.13
C GLY A 260 -9.59 1.29 14.17
N VAL A 261 -8.66 1.41 15.10
CA VAL A 261 -8.59 0.40 16.16
C VAL A 261 -9.63 0.67 17.26
N ALA A 262 -9.91 1.94 17.52
CA ALA A 262 -10.76 2.29 18.65
C ALA A 262 -12.22 1.99 18.38
N ILE A 263 -12.64 2.04 17.11
CA ILE A 263 -13.99 1.60 16.78
C ILE A 263 -14.10 0.09 16.91
N LEU A 264 -13.06 -0.63 16.48
CA LEU A 264 -13.12 -2.09 16.49
C LEU A 264 -13.06 -2.67 17.90
N GLU A 265 -12.45 -1.94 18.84
CA GLU A 265 -12.30 -2.47 20.19
C GLU A 265 -13.61 -2.76 20.90
N PRO A 266 -14.59 -1.85 20.98
CA PRO A 266 -15.82 -2.15 21.72
C PRO A 266 -16.92 -2.81 20.91
N THR A 267 -16.88 -2.68 19.58
CA THR A 267 -17.97 -3.16 18.73
C THR A 267 -17.77 -4.59 18.24
N LEU A 268 -16.70 -5.25 18.63
CA LEU A 268 -16.42 -6.62 18.21
C LEU A 268 -17.18 -7.69 19.01
N PRO A 269 -17.23 -7.62 20.36
CA PRO A 269 -17.96 -8.66 21.11
C PRO A 269 -19.43 -8.78 20.76
N ILE A 270 -20.10 -7.68 20.44
CA ILE A 270 -21.50 -7.74 20.07
C ILE A 270 -21.68 -8.51 18.77
N TRP A 271 -20.82 -8.26 17.79
CA TRP A 271 -20.88 -9.00 16.54
C TRP A 271 -20.54 -10.47 16.76
N MET A 272 -19.60 -10.75 17.65
CA MET A 272 -19.24 -12.13 17.95
C MET A 272 -20.42 -12.89 18.56
N MET A 273 -21.13 -12.25 19.49
CA MET A 273 -22.33 -12.87 20.05
C MET A 273 -23.39 -13.09 18.99
N GLN A 274 -23.63 -12.08 18.14
CA GLN A 274 -24.75 -12.14 17.23
C GLN A 274 -24.50 -13.10 16.07
N THR A 275 -23.24 -13.35 15.71
CA THR A 275 -22.96 -14.23 14.59
C THR A 275 -22.24 -15.52 14.99
N MET A 276 -21.09 -15.43 15.65
CA MET A 276 -20.26 -16.60 15.87
C MET A 276 -20.77 -17.51 16.97
N CYS A 277 -21.49 -16.96 17.96
CA CYS A 277 -22.00 -17.73 19.10
C CYS A 277 -20.85 -18.37 19.89
N SER A 278 -20.01 -17.51 20.45
CA SER A 278 -18.86 -17.94 21.21
C SER A 278 -19.05 -17.70 22.70
N PRO A 279 -18.39 -18.48 23.55
CA PRO A 279 -18.52 -18.29 24.99
C PRO A 279 -17.90 -16.97 25.44
N LYS A 280 -18.10 -16.66 26.72
CA LYS A 280 -17.68 -15.36 27.23
C LYS A 280 -16.17 -15.25 27.33
N TRP A 281 -15.48 -16.34 27.62
CA TRP A 281 -14.05 -16.25 27.89
C TRP A 281 -13.20 -16.04 26.63
N GLN A 282 -13.78 -16.17 25.44
CA GLN A 282 -13.03 -15.93 24.21
C GLN A 282 -13.05 -14.47 23.78
N LEU A 283 -13.89 -13.64 24.38
CA LEU A 283 -14.01 -12.24 23.97
C LEU A 283 -12.71 -11.48 24.23
N GLY A 284 -12.19 -11.59 25.44
CA GLY A 284 -10.92 -10.94 25.74
C GLY A 284 -9.77 -11.55 24.97
N LEU A 285 -9.82 -12.86 24.75
CA LEU A 285 -8.73 -13.53 24.04
C LEU A 285 -8.70 -13.18 22.57
N ALA A 286 -9.82 -12.69 22.01
CA ALA A 286 -9.84 -12.31 20.61
C ALA A 286 -8.89 -11.15 20.32
N PHE A 287 -8.84 -10.16 21.21
CA PHE A 287 -8.06 -8.96 20.98
C PHE A 287 -6.65 -9.04 21.52
N LEU A 288 -6.26 -10.17 22.11
CA LEU A 288 -4.88 -10.36 22.55
C LEU A 288 -3.84 -10.24 21.43
N PRO A 289 -4.04 -10.82 20.23
CA PRO A 289 -3.04 -10.66 19.17
C PRO A 289 -2.78 -9.22 18.77
N ALA A 290 -3.79 -8.36 18.83
CA ALA A 290 -3.58 -6.95 18.49
C ALA A 290 -2.59 -6.30 19.45
N SER A 291 -2.78 -6.53 20.75
CA SER A 291 -1.87 -5.95 21.75
C SER A 291 -0.46 -6.53 21.63
N VAL A 292 -0.35 -7.85 21.44
CA VAL A 292 0.96 -8.48 21.36
C VAL A 292 1.72 -8.00 20.12
N SER A 293 1.03 -7.97 18.97
CA SER A 293 1.67 -7.52 17.75
C SER A 293 2.01 -6.04 17.81
N TYR A 294 1.19 -5.25 18.50
CA TYR A 294 1.51 -3.83 18.66
C TYR A 294 2.76 -3.65 19.50
N LEU A 295 2.91 -4.46 20.56
CA LEU A 295 4.11 -4.40 21.38
C LEU A 295 5.35 -4.75 20.56
N ILE A 296 5.26 -5.83 19.78
CA ILE A 296 6.39 -6.27 18.96
C ILE A 296 6.74 -5.20 17.92
N GLY A 297 5.72 -4.65 17.26
CA GLY A 297 5.96 -3.65 16.23
C GLY A 297 6.54 -2.36 16.78
N THR A 298 6.03 -1.90 17.92
CA THR A 298 6.53 -0.65 18.48
C THR A 298 7.90 -0.83 19.11
N ASN A 299 8.28 -2.05 19.48
CA ASN A 299 9.65 -2.25 19.95
C ASN A 299 10.62 -2.56 18.81
N LEU A 300 10.12 -2.95 17.64
CA LEU A 300 10.99 -3.33 16.55
C LEU A 300 11.13 -2.30 15.44
N PHE A 301 10.11 -1.46 15.22
CA PHE A 301 10.12 -0.56 14.08
C PHE A 301 10.65 0.83 14.39
N GLY A 302 10.89 1.14 15.66
CA GLY A 302 11.60 2.37 15.97
C GLY A 302 13.01 2.37 15.42
N VAL A 303 13.65 1.20 15.40
CA VAL A 303 14.98 1.08 14.80
C VAL A 303 14.89 1.16 13.29
N LEU A 304 13.90 0.50 12.69
CA LEU A 304 13.84 0.38 11.24
C LEU A 304 13.21 1.58 10.55
N ALA A 305 12.55 2.47 11.30
CA ALA A 305 11.88 3.60 10.67
C ALA A 305 12.87 4.58 10.07
N ASN A 306 13.97 4.84 10.78
CA ASN A 306 14.98 5.76 10.24
C ASN A 306 15.67 5.17 9.03
N LYS A 307 15.97 3.88 9.05
CA LYS A 307 16.66 3.26 7.93
C LYS A 307 15.76 3.17 6.71
N MET A 308 14.53 2.68 6.88
CA MET A 308 13.61 2.48 5.78
C MET A 308 12.92 3.76 5.32
N GLY A 309 12.85 4.76 6.18
CA GLY A 309 12.17 6.00 5.85
C GLY A 309 10.87 6.11 6.60
N ARG A 310 10.63 7.27 7.22
CA ARG A 310 9.44 7.43 8.04
C ARG A 310 8.17 7.42 7.18
N TRP A 311 8.22 8.06 6.02
CA TRP A 311 7.04 8.15 5.17
C TRP A 311 6.65 6.78 4.63
N LEU A 312 7.63 5.95 4.27
CA LEU A 312 7.33 4.63 3.75
C LEU A 312 6.74 3.74 4.83
N CYS A 313 7.28 3.83 6.05
CA CYS A 313 6.75 3.05 7.17
C CYS A 313 5.31 3.45 7.48
N SER A 314 5.04 4.76 7.49
CA SER A 314 3.68 5.24 7.75
C SER A 314 2.71 4.81 6.66
N LEU A 315 3.16 4.88 5.40
CA LEU A 315 2.31 4.48 4.27
C LEU A 315 1.97 3.00 4.33
N ILE A 316 2.98 2.16 4.58
CA ILE A 316 2.74 0.72 4.65
C ILE A 316 1.89 0.37 5.84
N GLY A 317 2.06 1.08 6.95
CA GLY A 317 1.23 0.85 8.12
C GLY A 317 -0.23 1.19 7.88
N MET A 318 -0.48 2.33 7.23
CA MET A 318 -1.86 2.71 6.94
C MET A 318 -2.51 1.74 5.96
N LEU A 319 -1.77 1.29 4.95
CA LEU A 319 -2.33 0.32 4.01
C LEU A 319 -2.61 -1.01 4.69
N VAL A 320 -1.72 -1.46 5.57
CA VAL A 320 -1.92 -2.72 6.26
C VAL A 320 -3.10 -2.63 7.22
N VAL A 321 -3.25 -1.50 7.91
CA VAL A 321 -4.38 -1.35 8.83
C VAL A 321 -5.70 -1.29 8.07
N GLY A 322 -5.68 -0.67 6.89
CA GLY A 322 -6.88 -0.66 6.06
C GLY A 322 -7.28 -2.04 5.59
N THR A 323 -6.30 -2.82 5.11
CA THR A 323 -6.60 -4.17 4.65
C THR A 323 -7.04 -5.08 5.79
N SER A 324 -6.40 -4.95 6.97
CA SER A 324 -6.77 -5.77 8.10
C SER A 324 -8.18 -5.47 8.59
N LEU A 325 -8.53 -4.18 8.69
CA LEU A 325 -9.90 -3.81 9.06
C LEU A 325 -10.88 -4.27 7.99
N LEU A 326 -10.44 -4.29 6.73
CA LEU A 326 -11.35 -4.64 5.65
C LEU A 326 -11.64 -6.14 5.68
N CYS A 327 -10.65 -6.94 6.10
CA CYS A 327 -10.80 -8.39 6.13
C CYS A 327 -11.32 -8.92 7.47
N VAL A 328 -11.37 -8.07 8.51
CA VAL A 328 -11.89 -8.53 9.81
C VAL A 328 -13.35 -8.99 9.75
N PRO A 329 -14.28 -8.26 9.12
CA PRO A 329 -15.68 -8.71 9.13
C PRO A 329 -15.99 -10.01 8.39
N LEU A 330 -15.02 -10.68 7.76
CA LEU A 330 -15.31 -11.85 6.96
C LEU A 330 -15.13 -13.17 7.70
N ALA A 331 -14.70 -13.15 8.97
CA ALA A 331 -14.41 -14.38 9.67
C ALA A 331 -15.68 -15.03 10.20
N HIS A 332 -15.73 -16.36 10.14
CA HIS A 332 -16.88 -17.12 10.63
C HIS A 332 -16.58 -17.89 11.90
N ASN A 333 -15.40 -17.75 12.48
CA ASN A 333 -15.07 -18.37 13.75
C ASN A 333 -13.98 -17.55 14.43
N ILE A 334 -13.68 -17.90 15.68
CA ILE A 334 -12.74 -17.13 16.47
C ILE A 334 -11.34 -17.22 15.89
N PHE A 335 -10.99 -18.38 15.33
CA PHE A 335 -9.65 -18.58 14.80
C PHE A 335 -9.37 -17.72 13.57
N GLY A 336 -10.39 -17.25 12.88
CA GLY A 336 -10.19 -16.43 11.70
C GLY A 336 -9.84 -14.98 11.97
N LEU A 337 -9.93 -14.54 13.22
CA LEU A 337 -9.58 -13.17 13.58
C LEU A 337 -8.16 -13.03 14.10
N ILE A 338 -7.40 -14.12 14.13
CA ILE A 338 -6.03 -14.06 14.66
C ILE A 338 -5.14 -13.25 13.74
N GLY A 339 -5.26 -13.47 12.44
CA GLY A 339 -4.43 -12.80 11.45
C GLY A 339 -4.67 -11.30 11.33
N PRO A 340 -5.91 -10.90 11.02
CA PRO A 340 -6.20 -9.48 10.86
C PRO A 340 -5.92 -8.62 12.09
N ASN A 341 -6.16 -9.16 13.29
CA ASN A 341 -5.87 -8.39 14.50
C ASN A 341 -4.37 -8.18 14.67
N ALA A 342 -3.57 -9.21 14.39
CA ALA A 342 -2.12 -9.07 14.47
C ALA A 342 -1.61 -8.07 13.45
N GLY A 343 -2.15 -8.12 12.23
CA GLY A 343 -1.78 -7.14 11.22
C GLY A 343 -2.16 -5.73 11.62
N LEU A 344 -3.33 -5.57 12.24
CA LEU A 344 -3.76 -4.26 12.72
C LEU A 344 -2.81 -3.71 13.77
N GLY A 345 -2.42 -4.56 14.72
CA GLY A 345 -1.50 -4.11 15.75
C GLY A 345 -0.13 -3.74 15.19
N LEU A 346 0.38 -4.56 14.27
CA LEU A 346 1.66 -4.24 13.65
C LEU A 346 1.60 -2.94 12.85
N ALA A 347 0.50 -2.73 12.12
CA ALA A 347 0.35 -1.51 11.34
C ALA A 347 0.27 -0.28 12.25
N ILE A 348 -0.45 -0.39 13.37
CA ILE A 348 -0.56 0.76 14.27
C ILE A 348 0.78 1.05 14.93
N GLY A 349 1.54 0.00 15.26
CA GLY A 349 2.88 0.22 15.79
C GLY A 349 3.78 0.90 14.78
N MET A 350 3.67 0.48 13.52
CA MET A 350 4.36 1.14 12.41
C MET A 350 4.06 2.63 12.36
N VAL A 351 2.77 2.97 12.35
CA VAL A 351 2.34 4.35 12.20
C VAL A 351 2.78 5.20 13.39
N ASP A 352 2.63 4.66 14.60
CA ASP A 352 2.99 5.40 15.80
C ASP A 352 4.49 5.66 15.87
N SER A 353 5.29 4.62 15.68
CA SER A 353 6.74 4.79 15.74
C SER A 353 7.25 5.65 14.59
N SER A 354 6.56 5.66 13.45
CA SER A 354 6.99 6.50 12.34
C SER A 354 6.64 7.96 12.58
N MET A 355 5.45 8.25 13.11
CA MET A 355 4.94 9.62 13.14
C MET A 355 5.08 10.30 14.49
N MET A 356 5.61 9.63 15.52
CA MET A 356 5.93 10.39 16.72
C MET A 356 7.18 11.25 16.60
N PRO A 357 8.34 10.71 16.21
CA PRO A 357 9.52 11.58 16.05
C PRO A 357 9.39 12.60 14.93
N ILE A 358 8.49 12.37 13.97
CA ILE A 358 8.36 13.28 12.83
C ILE A 358 7.84 14.64 13.28
N MET A 359 7.07 14.69 14.36
CA MET A 359 6.57 15.97 14.86
C MET A 359 7.71 16.83 15.38
N GLY A 360 8.57 16.24 16.22
CA GLY A 360 9.74 16.97 16.69
C GLY A 360 10.69 17.32 15.57
N HIS A 361 10.81 16.44 14.58
CA HIS A 361 11.67 16.72 13.43
C HIS A 361 11.16 17.93 12.66
N LEU A 362 9.84 18.00 12.43
CA LEU A 362 9.28 19.14 11.72
C LEU A 362 9.41 20.42 12.51
N VAL A 363 9.21 20.35 13.83
CA VAL A 363 9.34 21.53 14.67
C VAL A 363 10.78 22.02 14.69
N ASP A 364 11.74 21.10 14.64
CA ASP A 364 13.15 21.49 14.57
C ASP A 364 13.50 22.07 13.20
N LEU A 365 12.91 21.52 12.14
CA LEU A 365 13.27 21.94 10.80
C LEU A 365 12.72 23.32 10.47
N ARG A 366 11.46 23.58 10.81
CA ARG A 366 10.78 24.80 10.38
C ARG A 366 10.59 25.82 11.49
N HIS A 367 10.02 25.43 12.62
CA HIS A 367 9.70 26.35 13.70
C HIS A 367 10.80 26.35 14.75
N THR A 368 10.53 27.00 15.88
CA THR A 368 11.49 27.06 16.98
C THR A 368 11.49 25.74 17.74
N SER A 369 12.57 25.50 18.50
CA SER A 369 12.77 24.22 19.17
C SER A 369 12.13 24.26 20.57
N VAL A 370 10.81 24.12 20.58
CA VAL A 370 10.05 23.86 21.79
C VAL A 370 9.00 22.82 21.45
N TYR A 371 8.95 21.72 22.19
CA TYR A 371 8.24 20.52 21.75
C TYR A 371 6.94 20.26 22.51
N GLY A 372 6.48 21.18 23.34
CA GLY A 372 5.27 20.92 24.09
C GLY A 372 4.02 20.89 23.23
N SER A 373 3.86 21.90 22.37
CA SER A 373 2.59 22.08 21.66
C SER A 373 2.37 20.99 20.62
N VAL A 374 3.43 20.61 19.91
CA VAL A 374 3.28 19.61 18.85
C VAL A 374 2.90 18.26 19.43
N TYR A 375 3.44 17.93 20.61
CA TYR A 375 3.06 16.67 21.23
C TYR A 375 1.72 16.76 21.94
N ALA A 376 1.28 17.96 22.30
CA ALA A 376 -0.11 18.12 22.71
C ALA A 376 -1.05 17.80 21.54
N ILE A 377 -0.69 18.25 20.34
CA ILE A 377 -1.47 17.92 19.14
C ILE A 377 -1.46 16.42 18.89
N ALA A 378 -0.30 15.78 19.04
CA ALA A 378 -0.21 14.34 18.84
C ALA A 378 -1.06 13.57 19.86
N ASP A 379 -1.05 14.00 21.12
CA ASP A 379 -1.87 13.33 22.12
C ASP A 379 -3.35 13.54 21.86
N VAL A 380 -3.73 14.72 21.34
CA VAL A 380 -5.12 14.95 20.96
C VAL A 380 -5.54 13.99 19.84
N ALA A 381 -4.64 13.79 18.87
CA ALA A 381 -4.91 12.84 17.80
C ALA A 381 -5.04 11.42 18.35
N PHE A 382 -4.23 11.08 19.35
CA PHE A 382 -4.37 9.79 20.02
C PHE A 382 -5.73 9.63 20.69
N CYS A 383 -6.17 10.66 21.41
CA CYS A 383 -7.34 10.52 22.28
C CYS A 383 -8.67 10.69 21.55
N MET A 384 -8.65 11.28 20.35
CA MET A 384 -9.91 11.48 19.62
C MET A 384 -10.56 10.15 19.27
N GLY A 385 -9.77 9.14 18.94
CA GLY A 385 -10.33 7.85 18.57
C GLY A 385 -11.05 7.17 19.72
N PHE A 386 -10.43 7.16 20.89
CA PHE A 386 -11.09 6.57 22.05
C PHE A 386 -12.26 7.41 22.52
N ALA A 387 -12.21 8.72 22.29
CA ALA A 387 -13.36 9.56 22.64
C ALA A 387 -14.55 9.23 21.76
N ILE A 388 -14.32 8.98 20.48
CA ILE A 388 -15.42 8.77 19.55
C ILE A 388 -15.91 7.32 19.55
N GLY A 389 -15.05 6.36 19.84
CA GLY A 389 -15.36 4.96 19.65
C GLY A 389 -16.46 4.39 20.54
N PRO A 390 -16.18 4.28 21.84
CA PRO A 390 -17.15 3.62 22.75
C PRO A 390 -18.51 4.30 22.84
N SER A 391 -18.56 5.63 22.69
CA SER A 391 -19.81 6.34 22.88
C SER A 391 -20.77 6.15 21.71
N THR A 392 -20.26 6.20 20.48
CA THR A 392 -21.09 6.20 19.29
C THR A 392 -20.99 4.92 18.47
N GLY A 393 -20.17 3.95 18.89
CA GLY A 393 -20.02 2.73 18.12
C GLY A 393 -21.30 1.91 18.05
N GLY A 394 -21.99 1.78 19.19
CA GLY A 394 -23.25 1.05 19.19
C GLY A 394 -24.31 1.71 18.34
N ALA A 395 -24.39 3.05 18.38
CA ALA A 395 -25.36 3.77 17.58
C ALA A 395 -25.07 3.59 16.08
N ILE A 396 -23.80 3.69 15.70
CA ILE A 396 -23.45 3.52 14.29
C ILE A 396 -23.71 2.10 13.83
N VAL A 397 -23.43 1.12 14.71
CA VAL A 397 -23.65 -0.28 14.34
C VAL A 397 -25.14 -0.56 14.17
N LYS A 398 -25.97 -0.03 15.06
CA LYS A 398 -27.41 -0.20 14.92
C LYS A 398 -27.95 0.57 13.72
N ALA A 399 -27.29 1.64 13.31
CA ALA A 399 -27.77 2.43 12.18
C ALA A 399 -27.41 1.82 10.82
N ILE A 400 -26.17 1.40 10.63
CA ILE A 400 -25.72 1.01 9.29
C ILE A 400 -25.18 -0.42 9.24
N GLY A 401 -24.70 -0.92 10.37
CA GLY A 401 -24.18 -2.28 10.38
C GLY A 401 -22.68 -2.34 10.58
N PHE A 402 -22.21 -3.42 11.20
CA PHE A 402 -20.79 -3.59 11.48
C PHE A 402 -19.91 -3.68 10.23
N PRO A 403 -20.22 -4.52 9.22
CA PRO A 403 -19.32 -4.62 8.07
C PRO A 403 -19.15 -3.33 7.29
N TRP A 404 -20.20 -2.52 7.18
CA TRP A 404 -20.05 -1.25 6.47
C TRP A 404 -19.19 -0.29 7.26
N LEU A 405 -19.26 -0.34 8.59
CA LEU A 405 -18.37 0.46 9.43
C LEU A 405 -16.91 0.08 9.19
N MET A 406 -16.63 -1.23 9.17
CA MET A 406 -15.27 -1.68 8.93
C MET A 406 -14.78 -1.29 7.53
N VAL A 407 -15.66 -1.41 6.52
CA VAL A 407 -15.30 -1.06 5.15
C VAL A 407 -15.01 0.43 5.04
N ILE A 408 -15.82 1.26 5.70
CA ILE A 408 -15.62 2.71 5.66
C ILE A 408 -14.29 3.09 6.29
N THR A 409 -13.98 2.51 7.46
CA THR A 409 -12.72 2.82 8.12
C THR A 409 -11.52 2.38 7.28
N GLY A 410 -11.60 1.17 6.70
CA GLY A 410 -10.51 0.70 5.86
C GLY A 410 -10.30 1.53 4.62
N VAL A 411 -11.40 1.94 3.98
CA VAL A 411 -11.28 2.74 2.77
C VAL A 411 -10.73 4.11 3.09
N ILE A 412 -11.11 4.68 4.25
CA ILE A 412 -10.56 5.97 4.66
C ILE A 412 -9.06 5.88 4.88
N ASN A 413 -8.62 4.80 5.54
CA ASN A 413 -7.18 4.64 5.77
C ASN A 413 -6.42 4.45 4.46
N ILE A 414 -6.97 3.65 3.55
CA ILE A 414 -6.29 3.40 2.27
C ILE A 414 -6.20 4.68 1.45
N VAL A 415 -7.27 5.47 1.43
CA VAL A 415 -7.25 6.70 0.65
C VAL A 415 -6.30 7.72 1.27
N TYR A 416 -6.25 7.79 2.60
CA TYR A 416 -5.35 8.76 3.23
C TYR A 416 -3.89 8.33 3.15
N ALA A 417 -3.63 7.04 2.91
CA ALA A 417 -2.26 6.54 2.84
C ALA A 417 -1.36 7.25 1.83
N PRO A 418 -1.81 7.59 0.62
CA PRO A 418 -0.93 8.31 -0.31
C PRO A 418 -0.45 9.66 0.18
N LEU A 419 -1.15 10.30 1.12
CA LEU A 419 -0.79 11.65 1.54
C LEU A 419 0.45 11.67 2.43
N CYS A 420 0.96 10.51 2.85
CA CYS A 420 2.18 10.48 3.65
C CYS A 420 3.43 10.70 2.81
N TYR A 421 3.30 10.73 1.49
CA TYR A 421 4.43 11.01 0.61
C TYR A 421 4.94 12.43 0.79
N TYR A 422 4.07 13.34 1.24
CA TYR A 422 4.41 14.74 1.42
C TYR A 422 5.43 14.96 2.54
N LEU A 423 5.62 14.00 3.42
CA LEU A 423 6.55 14.10 4.53
C LEU A 423 7.94 13.55 4.19
N ARG A 424 8.25 13.41 2.90
CA ARG A 424 9.56 12.88 2.51
C ARG A 424 10.67 13.84 2.86
N SER A 425 10.50 15.11 2.52
CA SER A 425 11.53 16.11 2.79
C SER A 425 10.90 17.49 2.82
N PRO A 426 10.31 17.89 3.94
CA PRO A 426 9.73 19.23 4.05
C PRO A 426 10.79 20.30 3.94
N PRO A 427 10.49 21.41 3.27
CA PRO A 427 11.47 22.50 3.16
C PRO A 427 11.81 23.10 4.51
N ALA A 428 13.06 23.51 4.65
CA ALA A 428 13.52 24.16 5.86
C ALA A 428 13.16 25.65 5.83
N LYS A 429 13.30 26.29 6.98
CA LYS A 429 12.97 27.70 7.08
C LYS A 429 14.08 28.57 6.51
N GLU A 430 13.73 29.81 6.18
CA GLU A 430 14.72 30.74 5.66
C GLU A 430 15.75 31.08 6.73
N GLU A 431 17.01 31.11 6.34
CA GLU A 431 18.10 31.41 7.28
C GLU A 431 18.05 32.86 7.72
N ALA B 18 2.69 -32.73 -41.80
CA ALA B 18 1.68 -32.14 -40.93
C ALA B 18 1.63 -32.88 -39.59
N SER B 19 1.61 -32.12 -38.50
CA SER B 19 1.58 -32.71 -37.16
C SER B 19 1.01 -31.68 -36.20
N ARG B 20 0.62 -32.17 -35.02
CA ARG B 20 0.04 -31.29 -34.00
C ARG B 20 1.10 -30.42 -33.34
N GLN B 21 2.36 -30.87 -33.32
CA GLN B 21 3.39 -30.09 -32.67
C GLN B 21 3.85 -28.91 -33.50
N LEU B 22 3.69 -29.00 -34.83
CA LEU B 22 4.16 -27.93 -35.71
C LEU B 22 3.37 -26.65 -35.50
N VAL B 23 2.06 -26.76 -35.29
CA VAL B 23 1.25 -25.57 -35.03
C VAL B 23 1.64 -24.95 -33.71
N LEU B 24 1.99 -25.78 -32.72
CA LEU B 24 2.46 -25.27 -31.44
C LEU B 24 3.76 -24.49 -31.62
N VAL B 25 4.69 -25.04 -32.40
CA VAL B 25 5.97 -24.36 -32.59
C VAL B 25 5.78 -23.07 -33.38
N VAL B 26 4.84 -23.06 -34.33
CA VAL B 26 4.62 -21.86 -35.13
C VAL B 26 4.00 -20.76 -34.29
N VAL B 27 3.00 -21.10 -33.46
CA VAL B 27 2.38 -20.10 -32.60
C VAL B 27 3.37 -19.60 -31.56
N PHE B 28 4.20 -20.50 -31.03
CA PHE B 28 5.27 -20.14 -30.11
C PHE B 28 6.20 -19.09 -30.72
N VAL B 29 6.72 -19.38 -31.92
CA VAL B 29 7.67 -18.47 -32.55
C VAL B 29 7.00 -17.16 -32.92
N ALA B 30 5.73 -17.20 -33.34
CA ALA B 30 5.03 -15.99 -33.73
C ALA B 30 4.82 -15.05 -32.55
N LEU B 31 4.33 -15.59 -31.44
CA LEU B 31 4.12 -14.76 -30.25
C LEU B 31 5.44 -14.25 -29.69
N LEU B 32 6.48 -15.08 -29.73
CA LEU B 32 7.81 -14.67 -29.27
C LEU B 32 8.33 -13.51 -30.10
N LEU B 33 8.20 -13.60 -31.42
CA LEU B 33 8.67 -12.54 -32.31
C LEU B 33 7.89 -11.26 -32.09
N ASP B 34 6.56 -11.37 -31.91
CA ASP B 34 5.75 -10.17 -31.71
C ASP B 34 6.11 -9.45 -30.41
N ASN B 35 6.23 -10.20 -29.31
CA ASN B 35 6.56 -9.56 -28.05
C ASN B 35 7.99 -9.04 -28.05
N MET B 36 8.90 -9.73 -28.74
CA MET B 36 10.27 -9.24 -28.84
C MET B 36 10.34 -7.95 -29.62
N LEU B 37 9.59 -7.84 -30.71
CA LEU B 37 9.58 -6.61 -31.49
C LEU B 37 8.93 -5.48 -30.71
N PHE B 38 7.95 -5.80 -29.86
CA PHE B 38 7.40 -4.79 -28.95
C PHE B 38 8.48 -4.28 -27.99
N THR B 39 9.16 -5.20 -27.31
CA THR B 39 10.05 -4.81 -26.22
C THR B 39 11.41 -4.30 -26.68
N VAL B 40 11.81 -4.56 -27.93
CA VAL B 40 13.14 -4.15 -28.38
C VAL B 40 13.16 -2.74 -28.94
N VAL B 41 12.01 -2.05 -28.97
CA VAL B 41 11.95 -0.70 -29.49
C VAL B 41 11.99 0.34 -28.37
N VAL B 42 12.16 -0.09 -27.13
CA VAL B 42 12.19 0.82 -25.99
C VAL B 42 13.50 1.61 -25.94
N PRO B 43 14.68 0.99 -25.89
CA PRO B 43 15.91 1.78 -25.79
C PRO B 43 16.56 2.15 -27.11
N ILE B 44 15.87 2.00 -28.24
CA ILE B 44 16.43 2.33 -29.54
C ILE B 44 15.83 3.62 -30.11
N VAL B 45 14.52 3.80 -29.96
CA VAL B 45 13.86 4.99 -30.50
C VAL B 45 14.34 6.27 -29.84
N PRO B 46 14.34 6.40 -28.50
CA PRO B 46 14.91 7.62 -27.89
C PRO B 46 16.38 7.84 -28.19
N THR B 47 17.18 6.77 -28.15
CA THR B 47 18.60 6.92 -28.46
C THR B 47 18.81 7.31 -29.92
N PHE B 48 18.05 6.72 -30.83
CA PHE B 48 18.17 7.07 -32.24
C PHE B 48 17.74 8.51 -32.49
N LEU B 49 16.67 8.95 -31.82
CA LEU B 49 16.22 10.33 -32.01
C LEU B 49 17.22 11.31 -31.43
N TYR B 50 17.88 10.95 -30.33
CA TYR B 50 18.90 11.82 -29.75
C TYR B 50 20.14 11.88 -30.65
N ASP B 51 20.53 10.75 -31.23
CA ASP B 51 21.79 10.70 -31.95
C ASP B 51 21.71 11.44 -33.27
N MET B 52 20.54 11.49 -33.89
CA MET B 52 20.39 12.20 -35.15
C MET B 52 20.60 13.70 -34.97
N GLU B 53 20.06 14.27 -33.90
CA GLU B 53 20.24 15.70 -33.65
C GLU B 53 21.69 16.02 -33.31
N PHE B 54 22.34 15.15 -32.56
CA PHE B 54 23.71 15.41 -32.11
C PHE B 54 24.62 14.22 -32.44
N GLN B 72 26.52 14.27 -19.63
CA GLN B 72 26.22 13.46 -20.80
C GLN B 72 25.97 14.35 -22.02
N GLY B 73 24.70 14.63 -22.30
CA GLY B 73 24.34 15.45 -23.44
C GLY B 73 23.46 16.63 -23.08
N THR B 74 22.60 17.02 -24.02
CA THR B 74 21.72 18.17 -23.86
C THR B 74 20.39 17.70 -23.26
N GLY B 75 19.59 18.66 -22.79
CA GLY B 75 18.28 18.36 -22.23
C GLY B 75 17.14 18.83 -23.09
N PHE B 76 17.24 18.62 -24.40
CA PHE B 76 16.22 19.03 -25.35
C PHE B 76 15.12 17.98 -25.53
N LEU B 77 15.25 16.82 -24.88
CA LEU B 77 14.31 15.72 -25.09
C LEU B 77 12.90 16.03 -24.60
N GLU B 78 12.73 17.05 -23.75
CA GLU B 78 11.39 17.43 -23.31
C GLU B 78 10.54 17.94 -24.46
N GLU B 79 11.16 18.53 -25.49
CA GLU B 79 10.42 19.00 -26.64
C GLU B 79 9.83 17.85 -27.44
N GLU B 80 10.54 16.71 -27.50
CA GLU B 80 10.12 15.57 -28.30
C GLU B 80 9.47 14.46 -27.48
N ILE B 81 9.35 14.65 -26.16
CA ILE B 81 8.75 13.62 -25.32
C ILE B 81 7.30 13.37 -25.69
N THR B 82 6.57 14.42 -26.09
CA THR B 82 5.18 14.24 -26.49
C THR B 82 5.05 13.42 -27.76
N ARG B 83 5.92 13.69 -28.75
CA ARG B 83 5.89 12.91 -29.99
C ARG B 83 6.28 11.47 -29.74
N VAL B 84 7.28 11.25 -28.88
CA VAL B 84 7.70 9.89 -28.56
C VAL B 84 6.59 9.14 -27.84
N GLY B 85 5.85 9.84 -26.97
CA GLY B 85 4.72 9.22 -26.30
C GLY B 85 3.60 8.86 -27.26
N VAL B 86 3.30 9.75 -28.20
CA VAL B 86 2.23 9.48 -29.17
C VAL B 86 2.62 8.34 -30.10
N LEU B 87 3.91 8.17 -30.36
CA LEU B 87 4.36 7.11 -31.27
C LEU B 87 4.04 5.72 -30.71
N PHE B 88 4.19 5.53 -29.40
CA PHE B 88 4.03 4.19 -28.84
C PHE B 88 2.57 3.74 -28.80
N ALA B 89 1.62 4.67 -28.88
CA ALA B 89 0.21 4.31 -28.79
C ALA B 89 -0.36 3.80 -30.11
N SER B 90 0.41 3.89 -31.19
CA SER B 90 -0.11 3.53 -32.50
C SER B 90 -0.46 2.05 -32.59
N LYS B 91 0.38 1.18 -32.02
CA LYS B 91 0.11 -0.25 -32.07
C LYS B 91 -1.17 -0.61 -31.34
N ALA B 92 -1.35 -0.04 -30.15
CA ALA B 92 -2.55 -0.32 -29.37
C ALA B 92 -3.80 0.19 -30.09
N VAL B 93 -3.74 1.39 -30.66
CA VAL B 93 -4.92 1.95 -31.32
C VAL B 93 -5.27 1.13 -32.56
N MET B 94 -4.26 0.76 -33.35
CA MET B 94 -4.54 -0.02 -34.55
C MET B 94 -5.04 -1.42 -34.21
N GLN B 95 -4.50 -2.02 -33.15
CA GLN B 95 -4.98 -3.33 -32.73
C GLN B 95 -6.42 -3.27 -32.27
N LEU B 96 -6.78 -2.24 -31.50
CA LEU B 96 -8.16 -2.09 -31.05
C LEU B 96 -9.09 -1.86 -32.23
N LEU B 97 -8.62 -1.15 -33.25
CA LEU B 97 -9.46 -0.92 -34.42
C LEU B 97 -9.66 -2.20 -35.22
N VAL B 98 -8.60 -2.99 -35.43
CA VAL B 98 -8.68 -4.11 -36.37
C VAL B 98 -9.08 -5.43 -35.72
N ASN B 99 -9.10 -5.51 -34.39
CA ASN B 99 -9.50 -6.76 -33.73
C ASN B 99 -10.91 -7.22 -34.04
N PRO B 100 -11.96 -6.37 -34.02
CA PRO B 100 -13.31 -6.87 -34.31
C PRO B 100 -13.50 -7.45 -35.70
N PHE B 101 -12.70 -7.07 -36.67
CA PHE B 101 -12.89 -7.56 -38.04
C PHE B 101 -12.17 -8.87 -38.32
N VAL B 102 -11.34 -9.35 -37.40
CA VAL B 102 -10.53 -10.54 -37.69
C VAL B 102 -11.39 -11.80 -37.69
N GLY B 103 -12.22 -11.97 -36.66
CA GLY B 103 -12.89 -13.22 -36.38
C GLY B 103 -13.83 -13.74 -37.47
N PRO B 104 -14.72 -12.88 -37.97
CA PRO B 104 -15.51 -13.28 -39.14
C PRO B 104 -14.67 -13.57 -40.36
N LEU B 105 -13.53 -12.88 -40.50
CA LEU B 105 -12.62 -13.18 -41.59
C LEU B 105 -12.04 -14.59 -41.45
N THR B 106 -11.70 -14.98 -40.23
CA THR B 106 -11.21 -16.34 -40.00
C THR B 106 -12.31 -17.37 -40.25
N ASN B 107 -13.55 -17.03 -39.92
CA ASN B 107 -14.66 -17.93 -40.22
C ASN B 107 -14.83 -18.10 -41.72
N ARG B 108 -14.70 -17.02 -42.49
CA ARG B 108 -14.99 -17.10 -43.92
C ARG B 108 -13.94 -17.88 -44.69
N ILE B 109 -12.65 -17.60 -44.46
CA ILE B 109 -11.62 -18.17 -45.32
C ILE B 109 -10.64 -19.03 -44.53
N GLY B 110 -11.02 -19.45 -43.33
CA GLY B 110 -10.16 -20.33 -42.57
C GLY B 110 -9.13 -19.58 -41.75
N TYR B 111 -8.20 -20.35 -41.20
CA TYR B 111 -7.21 -19.83 -40.26
C TYR B 111 -5.82 -19.69 -40.84
N HIS B 112 -5.46 -20.49 -41.85
CA HIS B 112 -4.08 -20.51 -42.33
C HIS B 112 -3.73 -19.23 -43.09
N ILE B 113 -4.64 -18.76 -43.94
CA ILE B 113 -4.36 -17.57 -44.74
C ILE B 113 -4.20 -16.32 -43.88
N PRO B 114 -5.10 -16.01 -42.93
CA PRO B 114 -4.85 -14.85 -42.06
C PRO B 114 -3.60 -14.98 -41.21
N MET B 115 -3.21 -16.18 -40.82
CA MET B 115 -1.98 -16.33 -40.03
C MET B 115 -0.76 -16.02 -40.88
N PHE B 116 -0.82 -16.32 -42.18
CA PHE B 116 0.30 -16.02 -43.06
C PHE B 116 0.51 -14.53 -43.22
N ALA B 117 -0.59 -13.76 -43.18
CA ALA B 117 -0.48 -12.31 -43.31
C ALA B 117 0.26 -11.70 -42.13
N GLY B 118 0.17 -12.33 -40.96
CA GLY B 118 0.89 -11.82 -39.80
C GLY B 118 2.38 -11.84 -39.98
N PHE B 119 2.92 -12.91 -40.56
CA PHE B 119 4.35 -12.99 -40.82
C PHE B 119 4.78 -11.93 -41.83
N VAL B 120 3.98 -11.72 -42.87
CA VAL B 120 4.33 -10.74 -43.90
C VAL B 120 4.35 -9.34 -43.31
N ILE B 121 3.33 -8.99 -42.53
CA ILE B 121 3.28 -7.66 -41.95
C ILE B 121 4.39 -7.46 -40.92
N MET B 122 4.68 -8.50 -40.14
CA MET B 122 5.75 -8.40 -39.15
C MET B 122 7.10 -8.26 -39.82
N PHE B 123 7.33 -9.00 -40.91
CA PHE B 123 8.58 -8.87 -41.65
C PHE B 123 8.74 -7.48 -42.24
N LEU B 124 7.65 -6.94 -42.81
CA LEU B 124 7.71 -5.58 -43.36
C LEU B 124 8.00 -4.56 -42.27
N SER B 125 7.35 -4.70 -41.10
CA SER B 125 7.59 -3.77 -40.00
C SER B 125 9.03 -3.86 -39.50
N THR B 126 9.56 -5.08 -39.37
CA THR B 126 10.90 -5.24 -38.82
C THR B 126 11.96 -4.80 -39.81
N VAL B 127 11.68 -4.89 -41.11
CA VAL B 127 12.62 -4.36 -42.10
C VAL B 127 12.56 -2.84 -42.13
N MET B 128 11.35 -2.27 -42.05
CA MET B 128 11.21 -0.83 -42.08
C MET B 128 11.81 -0.19 -40.83
N PHE B 129 11.80 -0.90 -39.71
CA PHE B 129 12.42 -0.37 -38.50
C PHE B 129 13.93 -0.23 -38.67
N ALA B 130 14.56 -1.22 -39.30
CA ALA B 130 16.02 -1.19 -39.42
C ALA B 130 16.49 -0.10 -40.36
N PHE B 131 15.75 0.13 -41.45
CA PHE B 131 16.18 1.07 -42.48
C PHE B 131 15.57 2.46 -42.31
N SER B 132 14.68 2.66 -41.34
CA SER B 132 14.07 3.96 -41.16
C SER B 132 15.07 4.96 -40.60
N GLY B 133 14.93 6.22 -41.03
CA GLY B 133 15.79 7.28 -40.53
C GLY B 133 15.02 8.44 -39.95
N THR B 134 13.78 8.61 -40.35
CA THR B 134 12.96 9.73 -39.93
C THR B 134 11.85 9.25 -39.00
N TYR B 135 11.22 10.20 -38.32
CA TYR B 135 10.16 9.87 -37.37
C TYR B 135 8.92 9.33 -38.06
N THR B 136 8.70 9.70 -39.33
CA THR B 136 7.46 9.31 -40.01
C THR B 136 7.43 7.81 -40.27
N LEU B 137 8.57 7.21 -40.61
CA LEU B 137 8.59 5.80 -40.97
C LEU B 137 8.36 4.91 -39.76
N LEU B 138 8.85 5.31 -38.59
CA LEU B 138 8.66 4.51 -37.39
C LEU B 138 7.20 4.44 -36.97
N PHE B 139 6.43 5.49 -37.25
CA PHE B 139 4.98 5.46 -37.03
C PHE B 139 4.33 4.37 -37.85
N VAL B 140 4.70 4.27 -39.14
CA VAL B 140 4.15 3.25 -40.01
C VAL B 140 4.59 1.87 -39.54
N ALA B 141 5.82 1.77 -39.03
CA ALA B 141 6.32 0.49 -38.52
C ALA B 141 5.49 0.02 -37.33
N ARG B 142 5.20 0.93 -36.40
CA ARG B 142 4.40 0.55 -35.23
C ARG B 142 2.98 0.18 -35.61
N THR B 143 2.37 0.92 -36.54
CA THR B 143 1.00 0.61 -36.97
C THR B 143 0.94 -0.76 -37.65
N LEU B 144 1.90 -1.04 -38.52
CA LEU B 144 1.94 -2.33 -39.19
C LEU B 144 2.16 -3.46 -38.18
N GLN B 145 3.00 -3.21 -37.17
CA GLN B 145 3.21 -4.23 -36.15
C GLN B 145 1.94 -4.51 -35.38
N GLY B 146 1.13 -3.47 -35.13
CA GLY B 146 -0.13 -3.69 -34.45
C GLY B 146 -1.09 -4.55 -35.24
N ILE B 147 -1.23 -4.26 -36.53
CA ILE B 147 -2.14 -5.05 -37.38
C ILE B 147 -1.67 -6.49 -37.46
N GLY B 148 -0.37 -6.69 -37.67
CA GLY B 148 0.17 -8.03 -37.78
C GLY B 148 0.05 -8.81 -36.48
N SER B 149 0.24 -8.13 -35.34
CA SER B 149 0.12 -8.81 -34.05
C SER B 149 -1.30 -9.28 -33.80
N SER B 150 -2.29 -8.43 -34.13
CA SER B 150 -3.69 -8.83 -33.94
C SER B 150 -4.04 -10.04 -34.81
N PHE B 151 -3.67 -9.99 -36.09
CA PHE B 151 -3.96 -11.09 -36.99
C PHE B 151 -3.28 -12.39 -36.55
N SER B 152 -1.99 -12.30 -36.18
CA SER B 152 -1.23 -13.47 -35.79
C SER B 152 -1.79 -14.10 -34.52
N SER B 153 -2.12 -13.27 -33.52
CA SER B 153 -2.63 -13.81 -32.26
C SER B 153 -3.96 -14.53 -32.46
N VAL B 154 -4.92 -13.88 -33.13
CA VAL B 154 -6.23 -14.49 -33.29
C VAL B 154 -6.15 -15.75 -34.15
N ALA B 155 -5.41 -15.69 -35.27
CA ALA B 155 -5.31 -16.84 -36.15
C ALA B 155 -4.60 -18.00 -35.49
N GLY B 156 -3.53 -17.72 -34.73
CA GLY B 156 -2.80 -18.80 -34.08
C GLY B 156 -3.61 -19.48 -33.00
N LEU B 157 -4.34 -18.70 -32.19
CA LEU B 157 -5.17 -19.31 -31.17
C LEU B 157 -6.29 -20.14 -31.79
N GLY B 158 -6.88 -19.65 -32.89
CA GLY B 158 -7.88 -20.44 -33.58
C GLY B 158 -7.33 -21.74 -34.14
N MET B 159 -6.12 -21.69 -34.72
CA MET B 159 -5.51 -22.89 -35.27
C MET B 159 -5.20 -23.91 -34.19
N LEU B 160 -4.67 -23.44 -33.05
CA LEU B 160 -4.37 -24.34 -31.94
C LEU B 160 -5.65 -24.97 -31.39
N ALA B 161 -6.73 -24.19 -31.30
CA ALA B 161 -7.99 -24.74 -30.86
C ALA B 161 -8.51 -25.79 -31.84
N SER B 162 -8.34 -25.53 -33.14
CA SER B 162 -8.85 -26.47 -34.14
C SER B 162 -8.08 -27.78 -34.14
N VAL B 163 -6.75 -27.71 -34.00
CA VAL B 163 -5.94 -28.92 -34.13
C VAL B 163 -6.16 -29.85 -32.94
N TYR B 164 -6.15 -29.31 -31.72
CA TYR B 164 -6.31 -30.11 -30.51
C TYR B 164 -7.78 -30.18 -30.15
N THR B 165 -8.30 -31.40 -30.01
CA THR B 165 -9.71 -31.62 -29.72
C THR B 165 -9.89 -32.68 -28.64
N ASP B 166 -9.11 -32.56 -27.57
CA ASP B 166 -9.21 -33.48 -26.44
C ASP B 166 -9.71 -32.83 -25.17
N ASP B 167 -9.68 -31.50 -25.09
CA ASP B 167 -10.22 -30.69 -23.98
C ASP B 167 -9.36 -30.75 -22.72
N HIS B 168 -8.27 -31.51 -22.75
CA HIS B 168 -7.31 -31.53 -21.66
C HIS B 168 -5.88 -31.27 -22.12
N GLU B 169 -5.50 -31.76 -23.30
CA GLU B 169 -4.24 -31.35 -23.91
C GLU B 169 -4.30 -29.91 -24.39
N ARG B 170 -5.52 -29.40 -24.63
CA ARG B 170 -5.67 -28.00 -25.04
C ARG B 170 -5.17 -27.06 -23.97
N GLY B 171 -5.39 -27.40 -22.70
CA GLY B 171 -4.87 -26.57 -21.62
C GLY B 171 -3.36 -26.49 -21.62
N ARG B 172 -2.69 -27.63 -21.81
CA ARG B 172 -1.23 -27.64 -21.85
C ARG B 172 -0.71 -26.87 -23.06
N ALA B 173 -1.37 -27.04 -24.22
CA ALA B 173 -0.95 -26.32 -25.41
C ALA B 173 -1.08 -24.82 -25.24
N MET B 174 -2.22 -24.38 -24.70
CA MET B 174 -2.42 -22.95 -24.47
C MET B 174 -1.44 -22.43 -23.45
N GLY B 175 -1.11 -23.23 -22.44
CA GLY B 175 -0.15 -22.81 -21.44
C GLY B 175 1.23 -22.58 -22.03
N THR B 176 1.69 -23.51 -22.87
CA THR B 176 2.99 -23.35 -23.51
C THR B 176 3.01 -22.14 -24.44
N ALA B 177 1.94 -21.98 -25.23
CA ALA B 177 1.86 -20.86 -26.17
C ALA B 177 1.86 -19.52 -25.44
N LEU B 178 1.11 -19.42 -24.33
CA LEU B 178 1.05 -18.15 -23.62
C LEU B 178 2.31 -17.90 -22.80
N GLY B 179 2.99 -18.96 -22.36
CA GLY B 179 4.28 -18.78 -21.71
C GLY B 179 5.37 -18.34 -22.67
N GLY B 180 5.17 -18.61 -23.97
CA GLY B 180 6.06 -18.06 -24.97
C GLY B 180 6.18 -16.55 -24.94
N LEU B 181 5.14 -15.87 -24.47
CA LEU B 181 5.15 -14.40 -24.30
C LEU B 181 6.18 -14.04 -23.24
N ALA B 182 6.30 -14.79 -22.16
CA ALA B 182 7.29 -14.45 -21.13
C ALA B 182 8.72 -14.54 -21.64
N LEU B 183 9.13 -15.67 -22.22
CA LEU B 183 10.53 -15.73 -22.72
C LEU B 183 10.74 -14.62 -23.74
N GLY B 184 9.76 -14.35 -24.58
CA GLY B 184 9.87 -13.24 -25.52
C GLY B 184 10.02 -11.90 -24.83
N LEU B 185 9.33 -11.71 -23.71
CA LEU B 185 9.40 -10.45 -22.95
C LEU B 185 10.72 -10.29 -22.23
N LEU B 186 11.28 -11.39 -21.73
CA LEU B 186 12.49 -11.43 -20.88
C LEU B 186 13.74 -10.94 -21.57
N VAL B 187 14.02 -11.38 -22.79
CA VAL B 187 15.25 -11.03 -23.52
C VAL B 187 14.90 -10.03 -24.57
N GLY B 188 13.78 -9.37 -24.48
CA GLY B 188 13.49 -8.41 -25.55
C GLY B 188 14.08 -7.07 -25.26
N ALA B 189 13.76 -6.47 -24.12
CA ALA B 189 14.17 -5.09 -23.80
C ALA B 189 15.64 -4.91 -23.63
N PRO B 190 16.42 -5.75 -22.92
CA PRO B 190 17.86 -5.58 -22.82
C PRO B 190 18.54 -6.42 -23.88
N PHE B 191 18.21 -6.20 -25.12
CA PHE B 191 18.84 -6.93 -26.24
C PHE B 191 19.00 -5.86 -27.29
N GLY B 192 18.03 -4.98 -27.43
CA GLY B 192 18.29 -3.89 -28.34
C GLY B 192 19.30 -2.90 -27.80
N SER B 193 19.26 -2.65 -26.50
CA SER B 193 20.20 -1.70 -25.91
C SER B 193 21.63 -2.23 -25.97
N VAL B 194 21.81 -3.53 -25.70
CA VAL B 194 23.16 -4.10 -25.73
C VAL B 194 23.66 -4.20 -27.16
N MET B 195 22.81 -4.61 -28.10
CA MET B 195 23.28 -4.74 -29.47
C MET B 195 23.42 -3.39 -30.16
N TYR B 196 22.80 -2.35 -29.63
CA TYR B 196 22.82 -1.06 -30.32
C TYR B 196 24.19 -0.43 -30.27
N GLU B 197 24.82 -0.40 -29.09
CA GLU B 197 26.06 0.33 -28.90
C GLU B 197 27.27 -0.46 -29.36
N PHE B 198 27.12 -1.73 -29.68
CA PHE B 198 28.26 -2.57 -30.04
C PHE B 198 28.28 -2.98 -31.50
N VAL B 199 27.18 -3.42 -32.06
CA VAL B 199 27.16 -3.92 -33.42
C VAL B 199 26.54 -2.94 -34.41
N GLY B 200 25.45 -2.27 -34.06
CA GLY B 200 24.83 -1.29 -34.92
C GLY B 200 23.35 -1.17 -34.67
N LYS B 201 22.71 -0.27 -35.42
CA LYS B 201 21.28 -0.03 -35.27
C LYS B 201 20.44 -0.94 -36.16
N SER B 202 21.04 -1.56 -37.18
CA SER B 202 20.32 -2.45 -38.07
C SER B 202 20.47 -3.92 -37.70
N ALA B 203 21.14 -4.22 -36.60
CA ALA B 203 21.40 -5.61 -36.22
C ALA B 203 20.21 -6.32 -35.60
N PRO B 204 19.61 -5.81 -34.51
CA PRO B 204 18.53 -6.58 -33.85
C PRO B 204 17.30 -6.74 -34.71
N PHE B 205 16.96 -5.71 -35.48
CA PHE B 205 15.81 -5.82 -36.36
C PHE B 205 16.05 -6.84 -37.47
N LEU B 206 17.28 -6.90 -37.99
CA LEU B 206 17.58 -7.89 -39.01
C LEU B 206 17.56 -9.31 -38.45
N ILE B 207 18.03 -9.48 -37.21
CA ILE B 207 17.98 -10.80 -36.58
C ILE B 207 16.54 -11.23 -36.35
N LEU B 208 15.69 -10.31 -35.89
CA LEU B 208 14.28 -10.63 -35.72
C LEU B 208 13.61 -10.93 -37.06
N ALA B 209 14.04 -10.24 -38.12
CA ALA B 209 13.50 -10.53 -39.44
C ALA B 209 13.87 -11.93 -39.91
N PHE B 210 15.12 -12.33 -39.68
CA PHE B 210 15.55 -13.67 -40.07
C PHE B 210 14.82 -14.73 -39.25
N LEU B 211 14.56 -14.44 -37.98
CA LEU B 211 13.77 -15.36 -37.16
C LEU B 211 12.33 -15.46 -37.68
N ALA B 212 11.76 -14.32 -38.10
CA ALA B 212 10.40 -14.33 -38.61
C ALA B 212 10.30 -15.09 -39.93
N LEU B 213 11.34 -15.02 -40.75
CA LEU B 213 11.33 -15.74 -42.02
C LEU B 213 11.32 -17.25 -41.79
N LEU B 214 11.97 -17.71 -40.72
CA LEU B 214 11.97 -19.14 -40.41
C LEU B 214 10.58 -19.62 -40.03
N ASP B 215 9.81 -18.78 -39.33
CA ASP B 215 8.46 -19.15 -38.93
C ASP B 215 7.56 -19.37 -40.14
N GLY B 216 7.70 -18.52 -41.16
CA GLY B 216 6.90 -18.69 -42.36
C GLY B 216 7.23 -19.97 -43.10
N ALA B 217 8.49 -20.39 -43.06
CA ALA B 217 8.88 -21.63 -43.72
C ALA B 217 8.20 -22.83 -43.06
N LEU B 218 8.11 -22.85 -41.73
CA LEU B 218 7.41 -23.92 -41.04
C LEU B 218 5.93 -23.88 -41.35
N GLN B 219 5.35 -22.68 -41.42
CA GLN B 219 3.92 -22.55 -41.66
C GLN B 219 3.53 -23.00 -43.06
N LEU B 220 4.47 -22.96 -44.01
CA LEU B 220 4.17 -23.38 -45.37
C LEU B 220 3.86 -24.88 -45.42
N CYS B 221 4.54 -25.67 -44.59
CA CYS B 221 4.32 -27.12 -44.53
C CYS B 221 3.36 -27.41 -43.38
N ILE B 222 2.09 -27.06 -43.60
CA ILE B 222 1.03 -27.31 -42.63
C ILE B 222 -0.19 -27.83 -43.37
N LEU B 223 -0.83 -28.85 -42.81
CA LEU B 223 -2.00 -29.50 -43.41
C LEU B 223 -1.63 -30.12 -44.76
N LYS B 234 -20.04 -21.24 -29.91
CA LYS B 234 -20.25 -19.83 -30.23
C LYS B 234 -21.34 -19.23 -29.36
N GLY B 235 -20.95 -18.36 -28.44
CA GLY B 235 -21.92 -17.70 -27.59
C GLY B 235 -21.29 -16.59 -26.79
N THR B 236 -22.14 -15.63 -26.37
CA THR B 236 -21.77 -14.49 -25.55
C THR B 236 -20.63 -13.70 -26.17
N PRO B 237 -20.91 -12.90 -27.21
CA PRO B 237 -19.88 -12.03 -27.78
C PRO B 237 -19.31 -11.03 -26.77
N LEU B 238 -18.19 -10.39 -27.13
CA LEU B 238 -17.42 -9.65 -26.15
C LEU B 238 -18.14 -8.42 -25.65
N PHE B 239 -18.95 -7.78 -26.49
CA PHE B 239 -19.61 -6.54 -26.07
C PHE B 239 -20.72 -6.81 -25.08
N MET B 240 -21.23 -8.03 -25.00
CA MET B 240 -22.18 -8.38 -23.95
C MET B 240 -21.46 -8.77 -22.66
N LEU B 241 -20.21 -9.24 -22.76
CA LEU B 241 -19.46 -9.62 -21.58
C LEU B 241 -18.96 -8.42 -20.80
N LEU B 242 -18.93 -7.24 -21.41
CA LEU B 242 -18.50 -6.03 -20.74
C LEU B 242 -19.66 -5.21 -20.22
N LYS B 243 -20.88 -5.76 -20.25
CA LYS B 243 -22.06 -5.08 -19.75
C LYS B 243 -22.33 -5.36 -18.28
N ASP B 244 -21.62 -6.31 -17.66
CA ASP B 244 -21.82 -6.59 -16.25
C ASP B 244 -20.66 -6.05 -15.44
N PRO B 245 -20.94 -5.41 -14.30
CA PRO B 245 -19.86 -4.75 -13.54
C PRO B 245 -18.80 -5.69 -13.00
N TYR B 246 -19.13 -6.96 -12.78
CA TYR B 246 -18.15 -7.88 -12.19
C TYR B 246 -17.00 -8.15 -13.14
N ILE B 247 -17.23 -8.08 -14.45
CA ILE B 247 -16.15 -8.23 -15.41
C ILE B 247 -15.46 -6.90 -15.68
N LEU B 248 -16.22 -5.79 -15.66
CA LEU B 248 -15.63 -4.48 -15.89
C LEU B 248 -14.64 -4.12 -14.80
N VAL B 249 -14.95 -4.47 -13.55
CA VAL B 249 -14.05 -4.19 -12.43
C VAL B 249 -12.74 -4.94 -12.61
N ALA B 250 -12.81 -6.22 -12.97
CA ALA B 250 -11.60 -7.02 -13.14
C ALA B 250 -10.77 -6.52 -14.32
N ALA B 251 -11.42 -6.20 -15.44
CA ALA B 251 -10.70 -5.69 -16.60
C ALA B 251 -10.05 -4.36 -16.29
N GLY B 252 -10.75 -3.48 -15.57
CA GLY B 252 -10.16 -2.21 -15.18
C GLY B 252 -9.00 -2.38 -14.23
N SER B 253 -9.08 -3.38 -13.34
CA SER B 253 -7.97 -3.60 -12.42
C SER B 253 -6.74 -4.11 -13.15
N ILE B 254 -6.93 -5.01 -14.12
CA ILE B 254 -5.81 -5.46 -14.94
C ILE B 254 -5.20 -4.30 -15.71
N CYS B 255 -6.05 -3.46 -16.31
CA CYS B 255 -5.56 -2.32 -17.09
C CYS B 255 -4.80 -1.32 -16.22
N PHE B 256 -5.31 -1.02 -15.04
CA PHE B 256 -4.64 -0.06 -14.16
C PHE B 256 -3.41 -0.64 -13.50
N ALA B 257 -3.33 -1.96 -13.33
CA ALA B 257 -2.11 -2.57 -12.86
C ALA B 257 -1.04 -2.63 -13.94
N ASN B 258 -1.42 -2.75 -15.20
CA ASN B 258 -0.44 -2.79 -16.28
C ASN B 258 -0.08 -1.40 -16.82
N MET B 259 -0.87 -0.39 -16.50
CA MET B 259 -0.53 0.97 -16.90
C MET B 259 0.75 1.47 -16.25
N GLY B 260 1.12 0.95 -15.08
CA GLY B 260 2.35 1.36 -14.44
C GLY B 260 3.59 1.01 -15.24
N VAL B 261 3.57 -0.14 -15.92
CA VAL B 261 4.63 -0.50 -16.84
C VAL B 261 4.39 0.08 -18.23
N ALA B 262 3.12 0.29 -18.62
CA ALA B 262 2.81 0.86 -19.92
C ALA B 262 3.34 2.28 -20.06
N ILE B 263 3.22 3.10 -19.01
CA ILE B 263 3.69 4.47 -19.08
C ILE B 263 5.12 4.62 -18.61
N LEU B 264 5.76 3.55 -18.18
CA LEU B 264 7.18 3.60 -17.80
C LEU B 264 8.11 3.36 -18.97
N GLU B 265 7.61 2.82 -20.09
CA GLU B 265 8.49 2.55 -21.22
C GLU B 265 8.95 3.83 -21.91
N PRO B 266 8.08 4.66 -22.47
CA PRO B 266 8.57 5.80 -23.26
C PRO B 266 9.19 6.90 -22.44
N THR B 267 8.99 6.94 -21.12
CA THR B 267 9.44 8.05 -20.32
C THR B 267 10.64 7.73 -19.43
N LEU B 268 11.01 6.47 -19.27
CA LEU B 268 12.11 6.13 -18.39
C LEU B 268 13.48 6.32 -19.01
N PRO B 269 13.74 5.86 -20.25
CA PRO B 269 15.06 6.11 -20.85
C PRO B 269 15.41 7.58 -21.02
N ILE B 270 14.43 8.42 -21.34
CA ILE B 270 14.69 9.86 -21.43
C ILE B 270 15.06 10.41 -20.07
N TRP B 271 14.37 9.96 -19.02
CA TRP B 271 14.70 10.36 -17.66
C TRP B 271 16.11 9.91 -17.28
N MET B 272 16.48 8.68 -17.67
CA MET B 272 17.80 8.17 -17.36
C MET B 272 18.89 9.00 -18.03
N MET B 273 18.73 9.28 -19.32
CA MET B 273 19.72 10.09 -20.02
C MET B 273 19.75 11.52 -19.51
N GLN B 274 18.62 12.02 -19.02
CA GLN B 274 18.60 13.39 -18.51
C GLN B 274 19.28 13.51 -17.15
N THR B 275 19.03 12.58 -16.22
CA THR B 275 19.52 12.77 -14.86
C THR B 275 20.64 11.84 -14.45
N MET B 276 20.59 10.54 -14.78
CA MET B 276 21.55 9.63 -14.18
C MET B 276 22.79 9.39 -15.04
N CYS B 277 22.78 9.80 -16.31
CA CYS B 277 23.99 9.82 -17.14
C CYS B 277 24.55 8.42 -17.37
N SER B 278 23.67 7.42 -17.37
CA SER B 278 24.11 6.06 -17.59
C SER B 278 24.51 5.86 -19.05
N PRO B 279 25.34 4.87 -19.33
CA PRO B 279 25.71 4.58 -20.73
C PRO B 279 24.50 4.11 -21.51
N LYS B 280 24.61 4.15 -22.84
CA LYS B 280 23.46 3.84 -23.69
C LYS B 280 23.08 2.37 -23.69
N TRP B 281 23.95 1.48 -23.19
CA TRP B 281 23.63 0.06 -23.20
C TRP B 281 23.02 -0.45 -21.91
N GLN B 282 22.81 0.41 -20.91
CA GLN B 282 22.19 -0.02 -19.67
C GLN B 282 20.70 0.30 -19.61
N LEU B 283 20.19 1.05 -20.60
CA LEU B 283 18.77 1.42 -20.59
C LEU B 283 17.89 0.18 -20.73
N GLY B 284 18.28 -0.76 -21.58
CA GLY B 284 17.55 -2.01 -21.67
C GLY B 284 17.70 -2.86 -20.43
N LEU B 285 18.90 -2.89 -19.84
CA LEU B 285 19.15 -3.74 -18.69
C LEU B 285 18.45 -3.23 -17.44
N ALA B 286 18.04 -1.95 -17.43
CA ALA B 286 17.27 -1.44 -16.30
C ALA B 286 15.86 -2.00 -16.22
N PHE B 287 15.37 -2.71 -17.24
CA PHE B 287 14.05 -3.32 -17.22
C PHE B 287 14.06 -4.80 -16.91
N LEU B 288 15.24 -5.42 -16.75
CA LEU B 288 15.33 -6.83 -16.42
C LEU B 288 14.64 -7.23 -15.13
N PRO B 289 14.73 -6.48 -14.03
CA PRO B 289 13.94 -6.83 -12.84
C PRO B 289 12.45 -6.88 -13.09
N ALA B 290 11.91 -5.99 -13.93
CA ALA B 290 10.48 -5.98 -14.21
C ALA B 290 10.01 -7.23 -14.93
N SER B 291 10.91 -7.96 -15.60
CA SER B 291 10.56 -9.22 -16.24
C SER B 291 10.83 -10.42 -15.35
N VAL B 292 12.01 -10.47 -14.72
CA VAL B 292 12.35 -11.62 -13.89
C VAL B 292 11.45 -11.69 -12.66
N SER B 293 11.23 -10.54 -12.00
CA SER B 293 10.35 -10.51 -10.85
C SER B 293 8.91 -10.83 -11.25
N TYR B 294 8.50 -10.44 -12.44
CA TYR B 294 7.15 -10.76 -12.89
C TYR B 294 6.99 -12.26 -13.07
N LEU B 295 7.98 -12.92 -13.67
CA LEU B 295 7.90 -14.36 -13.86
C LEU B 295 7.88 -15.10 -12.53
N ILE B 296 8.74 -14.67 -11.59
CA ILE B 296 8.78 -15.29 -10.26
C ILE B 296 7.45 -15.10 -9.54
N GLY B 297 6.90 -13.89 -9.61
CA GLY B 297 5.65 -13.61 -8.93
C GLY B 297 4.49 -14.36 -9.53
N THR B 298 4.41 -14.45 -10.85
CA THR B 298 3.30 -15.16 -11.47
C THR B 298 3.37 -16.66 -11.16
N ASN B 299 4.57 -17.25 -11.13
CA ASN B 299 4.69 -18.66 -10.76
C ASN B 299 4.25 -18.89 -9.31
N LEU B 300 4.84 -18.12 -8.38
CA LEU B 300 4.55 -18.33 -6.96
C LEU B 300 3.09 -18.06 -6.63
N PHE B 301 2.51 -17.00 -7.20
CA PHE B 301 1.17 -16.64 -6.80
C PHE B 301 0.11 -17.41 -7.58
N GLY B 302 0.41 -17.90 -8.78
CA GLY B 302 -0.45 -18.90 -9.38
C GLY B 302 -0.49 -20.17 -8.56
N VAL B 303 0.64 -20.52 -7.94
CA VAL B 303 0.61 -21.66 -7.02
C VAL B 303 -0.18 -21.35 -5.74
N LEU B 304 -0.07 -20.12 -5.23
CA LEU B 304 -0.40 -19.84 -3.82
C LEU B 304 -1.66 -18.99 -3.60
N ALA B 305 -2.23 -18.37 -4.63
CA ALA B 305 -3.28 -17.38 -4.41
C ALA B 305 -4.61 -17.99 -4.01
N ASN B 306 -4.87 -19.24 -4.42
CA ASN B 306 -6.15 -19.87 -4.12
C ASN B 306 -6.33 -20.13 -2.64
N LYS B 307 -5.24 -20.23 -1.88
CA LYS B 307 -5.36 -20.53 -0.45
C LYS B 307 -5.81 -19.31 0.35
N MET B 308 -5.40 -18.11 -0.05
CA MET B 308 -5.70 -16.91 0.72
C MET B 308 -6.69 -15.98 0.02
N GLY B 309 -7.38 -16.47 -1.01
CA GLY B 309 -8.35 -15.67 -1.70
C GLY B 309 -7.74 -14.85 -2.83
N ARG B 310 -8.43 -14.81 -3.97
CA ARG B 310 -7.87 -14.12 -5.13
C ARG B 310 -7.99 -12.60 -4.99
N TRP B 311 -9.07 -12.13 -4.37
CA TRP B 311 -9.27 -10.70 -4.25
C TRP B 311 -8.23 -10.06 -3.34
N LEU B 312 -7.78 -10.78 -2.32
CA LEU B 312 -6.72 -10.27 -1.46
C LEU B 312 -5.41 -10.14 -2.22
N CYS B 313 -5.13 -11.11 -3.09
CA CYS B 313 -3.94 -11.02 -3.94
C CYS B 313 -4.02 -9.82 -4.86
N SER B 314 -5.20 -9.58 -5.45
CA SER B 314 -5.36 -8.43 -6.34
C SER B 314 -5.17 -7.11 -5.59
N LEU B 315 -5.74 -7.00 -4.39
CA LEU B 315 -5.62 -5.79 -3.59
C LEU B 315 -4.18 -5.51 -3.21
N ILE B 316 -3.47 -6.55 -2.74
CA ILE B 316 -2.08 -6.37 -2.33
C ILE B 316 -1.21 -6.05 -3.53
N GLY B 317 -1.52 -6.64 -4.68
CA GLY B 317 -0.76 -6.33 -5.88
C GLY B 317 -0.92 -4.89 -6.33
N MET B 318 -2.16 -4.38 -6.30
CA MET B 318 -2.38 -2.99 -6.68
C MET B 318 -1.70 -2.04 -5.71
N LEU B 319 -1.76 -2.34 -4.42
CA LEU B 319 -1.08 -1.49 -3.44
C LEU B 319 0.44 -1.51 -3.62
N VAL B 320 1.00 -2.68 -3.90
CA VAL B 320 2.44 -2.78 -4.12
C VAL B 320 2.85 -2.03 -5.39
N VAL B 321 2.00 -2.09 -6.42
CA VAL B 321 2.26 -1.33 -7.65
C VAL B 321 2.29 0.15 -7.36
N GLY B 322 1.33 0.62 -6.57
CA GLY B 322 1.29 2.04 -6.23
C GLY B 322 2.51 2.50 -5.46
N THR B 323 2.90 1.72 -4.45
CA THR B 323 4.07 2.07 -3.65
C THR B 323 5.35 2.03 -4.48
N SER B 324 5.50 1.02 -5.34
CA SER B 324 6.68 0.93 -6.18
C SER B 324 6.76 2.09 -7.17
N LEU B 325 5.63 2.46 -7.76
CA LEU B 325 5.64 3.59 -8.70
C LEU B 325 5.95 4.89 -7.97
N LEU B 326 5.49 5.02 -6.72
CA LEU B 326 5.85 6.20 -5.94
C LEU B 326 7.34 6.23 -5.65
N CYS B 327 7.93 5.08 -5.34
CA CYS B 327 9.35 5.02 -4.98
C CYS B 327 10.29 5.03 -6.18
N VAL B 328 9.75 4.85 -7.39
CA VAL B 328 10.61 4.85 -8.59
C VAL B 328 11.37 6.16 -8.81
N PRO B 329 10.73 7.36 -8.81
CA PRO B 329 11.48 8.55 -9.25
C PRO B 329 12.38 9.18 -8.19
N LEU B 330 12.70 8.45 -7.13
CA LEU B 330 13.61 8.93 -6.11
C LEU B 330 15.05 8.46 -6.29
N ALA B 331 15.32 7.62 -7.28
CA ALA B 331 16.64 7.05 -7.43
C ALA B 331 17.61 8.06 -8.05
N HIS B 332 18.88 7.96 -7.64
CA HIS B 332 19.93 8.82 -8.14
C HIS B 332 20.99 8.07 -8.92
N ASN B 333 20.79 6.78 -9.19
CA ASN B 333 21.71 5.99 -10.00
C ASN B 333 20.94 4.80 -10.55
N ILE B 334 21.61 4.03 -11.41
CA ILE B 334 20.95 2.92 -12.07
C ILE B 334 20.57 1.84 -11.06
N PHE B 335 21.40 1.65 -10.03
CA PHE B 335 21.14 0.62 -9.05
C PHE B 335 19.97 0.94 -8.14
N GLY B 336 19.49 2.19 -8.12
CA GLY B 336 18.32 2.51 -7.34
C GLY B 336 17.02 2.04 -7.94
N LEU B 337 17.03 1.58 -9.18
CA LEU B 337 15.84 1.09 -9.87
C LEU B 337 15.69 -0.42 -9.80
N ILE B 338 16.60 -1.13 -9.12
CA ILE B 338 16.46 -2.58 -9.04
C ILE B 338 15.40 -2.96 -8.02
N GLY B 339 15.07 -2.08 -7.10
CA GLY B 339 14.08 -2.36 -6.09
C GLY B 339 12.66 -2.06 -6.51
N PRO B 340 12.40 -0.78 -6.86
CA PRO B 340 11.05 -0.42 -7.33
C PRO B 340 10.58 -1.17 -8.56
N ASN B 341 11.48 -1.41 -9.52
CA ASN B 341 11.08 -2.15 -10.71
C ASN B 341 10.75 -3.60 -10.38
N ALA B 342 11.53 -4.21 -9.48
CA ALA B 342 11.24 -5.57 -9.05
C ALA B 342 9.91 -5.64 -8.33
N GLY B 343 9.62 -4.65 -7.48
CA GLY B 343 8.32 -4.63 -6.82
C GLY B 343 7.17 -4.44 -7.79
N LEU B 344 7.37 -3.60 -8.80
CA LEU B 344 6.33 -3.39 -9.82
C LEU B 344 6.06 -4.66 -10.59
N GLY B 345 7.12 -5.38 -10.98
CA GLY B 345 6.94 -6.64 -11.67
C GLY B 345 6.25 -7.68 -10.82
N LEU B 346 6.64 -7.78 -9.54
CA LEU B 346 6.00 -8.73 -8.63
C LEU B 346 4.53 -8.42 -8.44
N ALA B 347 4.19 -7.14 -8.28
CA ALA B 347 2.80 -6.78 -8.04
C ALA B 347 1.95 -6.99 -9.29
N ILE B 348 2.49 -6.69 -10.46
CA ILE B 348 1.74 -6.96 -11.68
C ILE B 348 1.57 -8.45 -11.88
N GLY B 349 2.56 -9.25 -11.48
CA GLY B 349 2.39 -10.69 -11.52
C GLY B 349 1.30 -11.16 -10.57
N MET B 350 1.23 -10.54 -9.39
CA MET B 350 0.16 -10.82 -8.43
C MET B 350 -1.22 -10.59 -9.05
N VAL B 351 -1.41 -9.40 -9.63
CA VAL B 351 -2.71 -9.05 -10.20
C VAL B 351 -3.05 -9.94 -11.38
N ASP B 352 -2.10 -10.15 -12.29
CA ASP B 352 -2.36 -10.94 -13.48
C ASP B 352 -2.50 -12.43 -13.18
N SER B 353 -2.00 -12.91 -12.05
CA SER B 353 -2.21 -14.30 -11.67
C SER B 353 -3.45 -14.52 -10.85
N SER B 354 -3.94 -13.49 -10.16
CA SER B 354 -5.15 -13.62 -9.36
C SER B 354 -6.41 -13.15 -10.08
N MET B 355 -6.28 -12.51 -11.25
CA MET B 355 -7.46 -11.95 -11.91
C MET B 355 -8.02 -12.79 -13.04
N MET B 356 -7.18 -13.47 -13.83
CA MET B 356 -7.67 -14.26 -14.95
C MET B 356 -8.61 -15.39 -14.56
N PRO B 357 -8.30 -16.22 -13.56
CA PRO B 357 -9.30 -17.21 -13.11
C PRO B 357 -10.58 -16.60 -12.59
N ILE B 358 -10.53 -15.40 -12.02
CA ILE B 358 -11.75 -14.74 -11.58
C ILE B 358 -12.64 -14.41 -12.78
N MET B 359 -12.03 -13.90 -13.85
CA MET B 359 -12.81 -13.61 -15.06
C MET B 359 -13.36 -14.88 -15.68
N GLY B 360 -12.57 -15.95 -15.67
CA GLY B 360 -13.07 -17.21 -16.18
C GLY B 360 -14.25 -17.75 -15.39
N HIS B 361 -14.16 -17.66 -14.06
CA HIS B 361 -15.25 -18.11 -13.20
C HIS B 361 -16.49 -17.25 -13.41
N LEU B 362 -16.31 -15.94 -13.56
CA LEU B 362 -17.45 -15.05 -13.79
C LEU B 362 -18.12 -15.35 -15.12
N VAL B 363 -17.34 -15.62 -16.16
CA VAL B 363 -17.92 -15.94 -17.46
C VAL B 363 -18.66 -17.27 -17.41
N ASP B 364 -18.09 -18.26 -16.71
CA ASP B 364 -18.74 -19.56 -16.64
C ASP B 364 -20.01 -19.50 -15.80
N LEU B 365 -20.01 -18.68 -14.75
CA LEU B 365 -21.12 -18.70 -13.80
C LEU B 365 -22.38 -18.08 -14.40
N ARG B 366 -22.24 -16.99 -15.15
CA ARG B 366 -23.39 -16.22 -15.60
C ARG B 366 -23.60 -16.20 -17.10
N HIS B 367 -22.62 -16.61 -17.91
CA HIS B 367 -22.74 -16.61 -19.36
C HIS B 367 -22.30 -17.97 -19.90
N THR B 368 -22.30 -18.08 -21.22
CA THR B 368 -21.79 -19.26 -21.91
C THR B 368 -20.37 -18.99 -22.35
N SER B 369 -19.44 -19.85 -21.93
CA SER B 369 -18.01 -19.59 -22.09
C SER B 369 -17.40 -20.55 -23.10
N VAL B 370 -16.43 -20.03 -23.85
CA VAL B 370 -15.69 -20.81 -24.84
C VAL B 370 -14.21 -20.71 -24.49
N TYR B 371 -13.36 -21.28 -25.34
CA TYR B 371 -11.92 -21.34 -25.04
C TYR B 371 -11.29 -19.95 -25.01
N GLY B 372 -11.76 -19.04 -25.85
CA GLY B 372 -11.11 -17.75 -25.96
C GLY B 372 -11.85 -16.59 -25.33
N SER B 373 -12.80 -16.88 -24.43
CA SER B 373 -13.58 -15.80 -23.82
C SER B 373 -12.72 -14.97 -22.87
N VAL B 374 -11.91 -15.62 -22.04
CA VAL B 374 -11.06 -14.88 -21.10
C VAL B 374 -9.97 -14.12 -21.84
N TYR B 375 -9.47 -14.68 -22.94
CA TYR B 375 -8.40 -14.04 -23.69
C TYR B 375 -8.86 -12.72 -24.31
N ALA B 376 -10.10 -12.67 -24.80
CA ALA B 376 -10.60 -11.47 -25.45
C ALA B 376 -10.73 -10.31 -24.47
N ILE B 377 -11.22 -10.58 -23.26
CA ILE B 377 -11.40 -9.51 -22.28
C ILE B 377 -10.05 -9.00 -21.79
N ALA B 378 -9.10 -9.91 -21.59
CA ALA B 378 -7.77 -9.49 -21.13
C ALA B 378 -7.05 -8.68 -22.18
N ASP B 379 -7.26 -9.00 -23.46
CA ASP B 379 -6.57 -8.30 -24.54
C ASP B 379 -7.02 -6.85 -24.63
N VAL B 380 -8.30 -6.59 -24.38
CA VAL B 380 -8.81 -5.22 -24.44
C VAL B 380 -8.20 -4.40 -23.31
N ALA B 381 -7.96 -5.01 -22.15
CA ALA B 381 -7.35 -4.30 -21.03
C ALA B 381 -5.93 -3.87 -21.36
N PHE B 382 -5.11 -4.79 -21.87
CA PHE B 382 -3.73 -4.46 -22.22
C PHE B 382 -3.68 -3.43 -23.33
N CYS B 383 -4.50 -3.61 -24.37
CA CYS B 383 -4.47 -2.68 -25.49
C CYS B 383 -4.96 -1.31 -25.09
N MET B 384 -6.01 -1.25 -24.26
CA MET B 384 -6.50 0.02 -23.76
C MET B 384 -5.46 0.72 -22.91
N GLY B 385 -4.74 -0.05 -22.07
CA GLY B 385 -3.70 0.53 -21.26
C GLY B 385 -2.56 1.09 -22.09
N PHE B 386 -2.10 0.32 -23.07
CA PHE B 386 -0.99 0.78 -23.91
C PHE B 386 -1.41 1.89 -24.85
N ALA B 387 -2.71 2.05 -25.12
CA ALA B 387 -3.17 3.14 -25.96
C ALA B 387 -3.48 4.41 -25.20
N ILE B 388 -3.85 4.31 -23.93
CA ILE B 388 -4.16 5.49 -23.14
C ILE B 388 -2.97 5.99 -22.32
N GLY B 389 -2.06 5.12 -21.91
CA GLY B 389 -0.96 5.49 -21.05
C GLY B 389 0.03 6.46 -21.66
N PRO B 390 0.74 6.03 -22.72
CA PRO B 390 1.80 6.90 -23.28
C PRO B 390 1.31 8.22 -23.84
N SER B 391 0.13 8.24 -24.47
CA SER B 391 -0.37 9.45 -25.11
C SER B 391 -0.65 10.55 -24.08
N THR B 392 -1.26 10.18 -22.96
CA THR B 392 -1.47 11.14 -21.88
C THR B 392 -0.20 11.40 -21.09
N GLY B 393 0.66 10.39 -20.98
CA GLY B 393 1.87 10.52 -20.19
C GLY B 393 2.85 11.52 -20.78
N GLY B 394 2.95 11.55 -22.11
CA GLY B 394 3.82 12.53 -22.73
C GLY B 394 3.39 13.96 -22.46
N ALA B 395 2.08 14.21 -22.56
CA ALA B 395 1.56 15.54 -22.28
C ALA B 395 1.75 15.90 -20.81
N ILE B 396 1.59 14.92 -19.91
CA ILE B 396 1.79 15.20 -18.49
C ILE B 396 3.25 15.53 -18.20
N VAL B 397 4.18 14.80 -18.81
CA VAL B 397 5.60 15.06 -18.57
C VAL B 397 6.01 16.41 -19.16
N LYS B 398 5.38 16.82 -20.25
CA LYS B 398 5.65 18.16 -20.77
C LYS B 398 5.09 19.23 -19.85
N ALA B 399 3.84 19.06 -19.42
CA ALA B 399 3.17 20.12 -18.65
C ALA B 399 3.72 20.21 -17.24
N ILE B 400 3.87 19.06 -16.56
CA ILE B 400 4.44 19.01 -15.22
C ILE B 400 5.55 17.98 -15.22
N GLY B 401 6.23 17.87 -14.09
CA GLY B 401 7.41 17.04 -14.00
C GLY B 401 7.17 15.56 -14.18
N PHE B 402 8.23 14.83 -14.52
CA PHE B 402 8.15 13.37 -14.58
C PHE B 402 7.73 12.69 -13.28
N PRO B 403 8.25 13.06 -12.09
CA PRO B 403 7.80 12.39 -10.86
C PRO B 403 6.31 12.54 -10.57
N TRP B 404 5.70 13.63 -11.01
CA TRP B 404 4.28 13.81 -10.77
C TRP B 404 3.44 12.81 -11.53
N LEU B 405 3.90 12.38 -12.70
CA LEU B 405 3.18 11.35 -13.45
C LEU B 405 3.17 10.02 -12.70
N MET B 406 4.32 9.64 -12.14
CA MET B 406 4.40 8.42 -11.36
C MET B 406 3.56 8.52 -10.10
N VAL B 407 3.55 9.69 -9.46
CA VAL B 407 2.72 9.90 -8.28
C VAL B 407 1.24 9.76 -8.63
N ILE B 408 0.84 10.31 -9.78
CA ILE B 408 -0.56 10.23 -10.22
C ILE B 408 -0.95 8.78 -10.47
N THR B 409 -0.08 8.01 -11.14
CA THR B 409 -0.40 6.62 -11.42
C THR B 409 -0.47 5.79 -10.14
N GLY B 410 0.45 6.04 -9.20
CA GLY B 410 0.40 5.34 -7.93
C GLY B 410 -0.85 5.65 -7.13
N VAL B 411 -1.26 6.92 -7.12
CA VAL B 411 -2.48 7.31 -6.41
C VAL B 411 -3.70 6.67 -7.05
N ILE B 412 -3.72 6.59 -8.39
CA ILE B 412 -4.85 5.97 -9.08
C ILE B 412 -4.94 4.49 -8.73
N ASN B 413 -3.79 3.81 -8.71
CA ASN B 413 -3.79 2.38 -8.36
C ASN B 413 -4.25 2.16 -6.93
N ILE B 414 -3.76 2.99 -6.00
CA ILE B 414 -4.12 2.84 -4.59
C ILE B 414 -5.61 3.11 -4.39
N VAL B 415 -6.16 4.11 -5.07
CA VAL B 415 -7.57 4.42 -4.91
C VAL B 415 -8.44 3.33 -5.52
N TYR B 416 -8.03 2.76 -6.64
CA TYR B 416 -8.83 1.69 -7.24
C TYR B 416 -8.72 0.40 -6.44
N ALA B 417 -7.64 0.22 -5.68
CA ALA B 417 -7.40 -1.01 -4.93
C ALA B 417 -8.53 -1.44 -4.00
N PRO B 418 -9.20 -0.56 -3.26
CA PRO B 418 -10.33 -1.02 -2.41
C PRO B 418 -11.49 -1.63 -3.18
N LEU B 419 -11.64 -1.34 -4.47
CA LEU B 419 -12.82 -1.74 -5.20
C LEU B 419 -12.83 -3.22 -5.56
N CYS B 420 -11.73 -3.93 -5.32
CA CYS B 420 -11.66 -5.37 -5.59
C CYS B 420 -12.45 -6.20 -4.58
N TYR B 421 -12.97 -5.59 -3.52
CA TYR B 421 -13.81 -6.30 -2.56
C TYR B 421 -15.11 -6.78 -3.21
N TYR B 422 -15.56 -6.08 -4.27
CA TYR B 422 -16.77 -6.47 -4.98
C TYR B 422 -16.66 -7.85 -5.61
N LEU B 423 -15.45 -8.31 -5.91
CA LEU B 423 -15.27 -9.53 -6.68
C LEU B 423 -15.40 -10.80 -5.84
N ARG B 424 -15.31 -10.70 -4.52
CA ARG B 424 -15.46 -11.89 -3.69
C ARG B 424 -16.91 -12.35 -3.75
N SER B 425 -17.11 -13.68 -3.77
CA SER B 425 -18.39 -14.38 -3.71
C SER B 425 -19.44 -13.82 -4.67
N PRO B 426 -19.17 -13.81 -5.97
CA PRO B 426 -20.14 -13.22 -6.91
C PRO B 426 -21.37 -14.11 -7.03
N PRO B 427 -22.54 -13.51 -7.33
CA PRO B 427 -23.80 -14.23 -7.44
C PRO B 427 -24.10 -14.73 -8.84
N 1WE C . -3.28 3.71 20.08
CA 1WE C . -2.91 2.34 20.40
C 1WE C . -1.83 2.24 21.46
CB 1WE C . -4.15 1.58 20.86
CG 1WE C . -4.08 0.11 20.56
CD1 1WE C . -4.97 -0.79 21.12
CD2 1WE C . -3.10 -0.39 19.70
CE1 1WE C . -4.91 -2.14 20.83
CE2 1WE C . -3.02 -1.74 19.41
CZ 1WE C . -3.92 -2.63 19.98
C4 YHR D . 1.42 -10.46 -21.13
C3 YHR D . 1.54 -9.29 -22.10
O2 YHR D . 1.08 -9.66 -23.40
C1 YHR D . 1.49 -10.87 -23.98
C10 YHR D . 5.97 -6.36 -17.18
C11 YHR D . 5.98 -5.86 -18.52
C12 YHR D . 4.96 -5.79 -19.38
C13 YHR D . 3.56 -6.29 -19.09
C14 YHR D . 2.85 -6.85 -20.28
C15 YHR D . 3.36 -8.25 -20.66
C16 YHR D . 2.99 -8.81 -22.07
C17 YHR D . 3.31 -7.80 -23.18
C20 YHR D . 4.64 -6.02 -23.97
C22 YHR D . 6.79 -4.94 -20.39
C23 YHR D . 7.17 -5.33 -19.10
C24 YHR D . 8.48 -5.14 -18.71
C25 YHR D . 9.38 -4.56 -19.59
C26 YHR D . 8.98 -4.19 -20.85
C27 YHR D . 7.68 -4.38 -21.27
C29 YHR D . 10.84 -2.76 -21.33
C31 YHR D . -0.03 -12.34 -20.73
C33 YHR D . -1.37 -13.03 -20.95
C34 YHR D . -1.60 -14.28 -20.41
C35 YHR D . -2.80 -14.90 -20.60
C36 YHR D . -3.79 -14.30 -21.33
C37 YHR D . -3.59 -13.04 -21.89
C38 YHR D . -2.36 -12.40 -21.69
C40 YHR D . -4.43 -11.36 -23.44
C42 YHR D . -6.05 -14.49 -20.71
C44 YHR D . -3.62 -16.14 -18.79
C5 YHR D . 1.56 -9.88 -19.73
C6 YHR D . 2.94 -9.20 -19.54
C7 YHR D . 2.94 -8.51 -18.16
C9 YHR D . 4.57 -6.79 -16.90
N21 YHR D . 5.43 -5.23 -20.57
N8 YHR D . 3.86 -7.36 -18.06
O18 YHR D . 2.68 -7.69 -24.18
O19 YHR D . 4.42 -6.97 -22.98
O28 YHR D . 9.85 -3.63 -21.78
O30 YHR D . 0.16 -11.06 -21.28
O32 YHR D . 0.80 -12.89 -20.11
O39 YHR D . -4.65 -12.48 -22.62
O41 YHR D . -5.01 -14.95 -21.51
O43 YHR D . -3.03 -16.17 -20.06
H1 YHR D . 2.21 -11.18 -21.28
H2 YHR D . 0.92 -8.48 -21.78
H3 YHR D . 0.81 -11.65 -23.67
H4 YHR D . 2.50 -11.12 -23.69
H5 YHR D . 1.44 -10.77 -25.06
H6 YHR D . 6.25 -5.59 -16.48
H7 YHR D . 6.63 -7.22 -17.10
H8 YHR D . 2.96 -5.50 -18.64
H9 YHR D . 2.97 -6.11 -21.05
H10 YHR D . 1.78 -6.89 -20.09
H11 YHR D . 4.44 -8.25 -20.65
H12 YHR D . 3.65 -9.65 -22.25
H13 YHR D . 3.77 -5.38 -24.07
H14 YHR D . 5.50 -5.42 -23.70
H15 YHR D . 4.84 -6.52 -24.91
H16 YHR D . 8.81 -5.42 -17.72
H17 YHR D . 10.40 -4.42 -19.28
H18 YHR D . 7.38 -4.09 -22.26
H19 YHR D . 11.22 -2.19 -22.17
H20 YHR D . 10.43 -2.07 -20.58
H21 YHR D . 11.65 -3.34 -20.91
H22 YHR D . -0.82 -14.77 -19.84
H23 YHR D . -2.16 -11.42 -22.10
H24 YHR D . -3.61 -11.54 -24.14
H25 YHR D . -5.34 -11.16 -24.01
H26 YHR D . -4.21 -10.49 -22.84
H27 YHR D . -6.51 -15.33 -20.19
H28 YHR D . -5.64 -13.79 -19.96
H29 YHR D . -6.79 -13.97 -21.31
H30 YHR D . -3.80 -15.12 -18.49
H31 YHR D . -2.97 -16.62 -18.07
H32 YHR D . -4.57 -16.68 -18.83
H33 YHR D . 0.75 -9.17 -19.57
H34 YHR D . 1.46 -10.68 -19.01
H35 YHR D . 3.67 -10.00 -19.51
H36 YHR D . 3.26 -9.22 -17.42
H37 YHR D . 1.95 -8.16 -17.89
H38 YHR D . 4.00 -5.93 -16.53
H39 YHR D . 4.59 -7.55 -16.12
H40 YHR D . 4.89 -5.06 -21.40
#